data_7A0J
#
_entry.id   7A0J
#
_cell.length_a   74.991
_cell.length_b   87.952
_cell.length_c   88.618
_cell.angle_alpha   90.000
_cell.angle_beta   90.097
_cell.angle_gamma   90.000
#
_symmetry.space_group_name_H-M   'P 1 21 1'
#
loop_
_entity.id
_entity.type
_entity.pdbx_description
1 polymer 'Serine/threonine-protein kinase-like protein ACR4'
2 branched alpha-L-fucopyranose-(1-6)-2-acetamido-2-deoxy-beta-D-glucopyranose
3 non-polymer 1,2-ETHANEDIOL
4 non-polymer 2-acetamido-2-deoxy-beta-D-glucopyranose
5 water water
#
_entity_poly.entity_id   1
_entity_poly.type   'polypeptide(L)'
_entity_poly.pdbx_seq_one_letter_code
;LGSMSSIAISYGEGGSVFCGLKSDGSHLVVCYGSNSAILYGTPGHLQFIGLTGGDGFMCGLLMLSHQPYCWGNSAFIQMG
VPQPMTKGAEYLEVSAGDYHLCGLRKPIVGRRKNSNIISSSLVDCWGYNMTRNFVFDKQLHSLSAGSEFNCALSSKDKSV
FCWGDENSSQVISLIPKEKKFQKIAAGGYHVCGILDGLESRVLCWGKSLEFEEEVTGTSTEEKILDLPPKEPLLAVVGGK
FYACGIKRYDHSAVCWGFFVNRSTPAPTGIGFYDLAAGNYFTCGVLTGTSMSPVCWGLGFPASIPLENLYFQ
;
_entity_poly.pdbx_strand_id   AAA,BBB,CCC,DDD
#
loop_
_chem_comp.id
_chem_comp.type
_chem_comp.name
_chem_comp.formula
EDO non-polymer 1,2-ETHANEDIOL 'C2 H6 O2'
FUC L-saccharide, alpha linking alpha-L-fucopyranose 'C6 H12 O5'
NAG D-saccharide, beta linking 2-acetamido-2-deoxy-beta-D-glucopyranose 'C8 H15 N O6'
#
# COMPACT_ATOMS: atom_id res chain seq x y z
N LEU A 1 4.87 0.41 29.92
CA LEU A 1 4.52 -1.03 29.81
C LEU A 1 5.60 -1.78 29.02
N GLY A 2 5.66 -3.10 29.19
CA GLY A 2 6.37 -4.02 28.28
C GLY A 2 7.84 -4.20 28.62
N SER A 3 8.63 -4.61 27.63
CA SER A 3 10.03 -5.11 27.78
C SER A 3 11.02 -4.03 27.33
N MET A 4 12.28 -4.18 27.73
CA MET A 4 13.40 -3.34 27.23
C MET A 4 13.51 -3.55 25.72
N SER A 5 13.72 -2.47 24.96
CA SER A 5 13.73 -2.48 23.48
C SER A 5 14.56 -1.29 22.96
N SER A 6 14.85 -1.27 21.66
CA SER A 6 15.52 -0.16 20.96
C SER A 6 14.52 1.00 20.77
N ILE A 7 13.22 0.73 20.94
CA ILE A 7 12.13 1.74 20.91
C ILE A 7 11.23 1.54 22.13
N ALA A 8 10.63 2.63 22.63
CA ALA A 8 9.78 2.65 23.84
C ALA A 8 8.79 3.82 23.76
N ILE A 9 7.68 3.72 24.51
CA ILE A 9 6.58 4.71 24.51
C ILE A 9 6.27 5.13 25.95
N SER A 10 6.15 6.44 26.17
CA SER A 10 5.60 7.05 27.42
CA SER A 10 5.60 7.05 27.42
C SER A 10 4.19 7.56 27.13
N TYR A 11 3.33 7.57 28.15
CA TYR A 11 1.87 7.84 28.03
C TYR A 11 1.38 8.53 29.32
N GLY A 12 0.08 8.84 29.37
CA GLY A 12 -0.59 9.47 30.51
C GLY A 12 -0.98 10.92 30.24
N GLU A 13 -1.46 11.62 31.27
CA GLU A 13 -2.03 12.99 31.18
C GLU A 13 -0.94 14.00 30.77
N GLY A 14 0.33 13.70 31.07
CA GLY A 14 1.49 14.51 30.68
C GLY A 14 1.72 14.56 29.18
N GLY A 15 1.19 13.57 28.45
CA GLY A 15 1.30 13.47 26.97
C GLY A 15 1.85 12.13 26.53
N SER A 16 1.97 11.94 25.22
CA SER A 16 2.44 10.69 24.56
C SER A 16 3.81 10.93 23.93
N VAL A 17 4.80 10.08 24.21
CA VAL A 17 6.17 10.21 23.66
C VAL A 17 6.65 8.84 23.17
N PHE A 18 7.29 8.82 22.00
CA PHE A 18 8.05 7.69 21.43
C PHE A 18 9.54 8.06 21.50
N CYS A 19 10.36 7.19 22.07
CA CYS A 19 11.85 7.30 22.08
C CYS A 19 12.45 6.06 21.43
N GLY A 20 13.52 6.25 20.65
CA GLY A 20 14.26 5.18 19.97
C GLY A 20 15.75 5.44 19.99
N LEU A 21 16.55 4.37 19.93
CA LEU A 21 18.02 4.46 19.73
C LEU A 21 18.28 4.84 18.27
N LYS A 22 19.20 5.79 18.02
CA LYS A 22 19.56 6.26 16.66
C LYS A 22 20.09 5.09 15.85
N SER A 23 19.83 5.08 14.54
CA SER A 23 20.17 3.98 13.59
C SER A 23 21.64 4.05 13.18
N ASP A 24 22.31 5.20 13.43
CA ASP A 24 23.75 5.42 13.11
C ASP A 24 24.63 4.52 14.01
N GLY A 25 24.06 3.91 15.05
CA GLY A 25 24.75 2.97 15.95
C GLY A 25 25.44 3.68 17.11
N SER A 26 25.14 4.97 17.29
CA SER A 26 25.73 5.84 18.36
C SER A 26 25.21 5.43 19.73
N HIS A 27 24.04 4.77 19.77
CA HIS A 27 23.31 4.37 21.01
C HIS A 27 22.79 5.62 21.73
N LEU A 28 22.68 6.74 21.02
CA LEU A 28 22.02 7.98 21.50
C LEU A 28 20.51 7.80 21.34
N VAL A 29 19.70 8.49 22.15
CA VAL A 29 18.22 8.39 22.12
C VAL A 29 17.65 9.66 21.49
N VAL A 30 16.64 9.50 20.65
CA VAL A 30 15.80 10.59 20.06
C VAL A 30 14.36 10.33 20.49
N CYS A 31 13.65 11.37 20.95
CA CYS A 31 12.25 11.29 21.42
C CYS A 31 11.37 12.25 20.60
N TYR A 32 10.11 11.88 20.41
CA TYR A 32 9.05 12.69 19.75
C TYR A 32 7.75 12.54 20.55
N GLY A 33 7.07 13.66 20.84
CA GLY A 33 5.73 13.62 21.46
C GLY A 33 5.44 14.83 22.34
N SER A 34 4.27 14.81 22.98
CA SER A 34 3.59 15.98 23.61
C SER A 34 3.99 16.14 25.09
N ASN A 35 4.71 15.19 25.68
CA ASN A 35 5.24 15.32 27.07
C ASN A 35 6.56 16.09 27.01
N SER A 36 6.50 17.40 27.31
CA SER A 36 7.64 18.35 27.21
C SER A 36 8.73 17.99 28.24
N ALA A 37 8.35 17.49 29.41
CA ALA A 37 9.29 17.02 30.45
C ALA A 37 10.21 15.97 29.85
N ILE A 38 9.64 14.98 29.14
CA ILE A 38 10.42 13.87 28.50
C ILE A 38 11.19 14.44 27.30
N LEU A 39 10.50 15.16 26.41
CA LEU A 39 11.08 15.66 25.14
C LEU A 39 12.34 16.50 25.43
N TYR A 40 12.21 17.55 26.25
CA TYR A 40 13.30 18.51 26.54
C TYR A 40 14.27 17.92 27.57
N GLY A 41 13.85 16.89 28.32
CA GLY A 41 14.69 16.19 29.30
C GLY A 41 15.54 15.09 28.68
N THR A 42 15.34 14.78 27.39
CA THR A 42 16.07 13.69 26.69
C THR A 42 17.56 13.98 26.69
N PRO A 43 18.41 13.09 27.25
CA PRO A 43 19.85 13.25 27.18
C PRO A 43 20.35 13.22 25.73
N GLY A 44 21.13 14.22 25.33
CA GLY A 44 21.69 14.36 23.96
C GLY A 44 22.97 13.57 23.77
N HIS A 45 23.65 13.20 24.87
CA HIS A 45 25.03 12.65 24.87
C HIS A 45 25.12 11.32 25.62
N LEU A 46 24.21 11.00 26.53
CA LEU A 46 24.20 9.71 27.27
C LEU A 46 23.80 8.58 26.31
N GLN A 47 24.58 7.50 26.28
CA GLN A 47 24.34 6.32 25.41
C GLN A 47 23.54 5.27 26.18
N PHE A 48 22.63 4.58 25.50
CA PHE A 48 21.72 3.56 26.06
C PHE A 48 21.78 2.29 25.20
N ILE A 49 21.57 1.13 25.83
CA ILE A 49 21.49 -0.20 25.14
C ILE A 49 20.04 -0.67 25.09
N GLY A 50 19.13 0.00 25.80
CA GLY A 50 17.69 -0.33 25.80
C GLY A 50 16.85 0.78 26.41
N LEU A 51 15.57 0.83 26.04
CA LEU A 51 14.59 1.85 26.51
C LEU A 51 13.30 1.15 26.97
N THR A 52 12.60 1.76 27.93
CA THR A 52 11.27 1.32 28.43
C THR A 52 10.56 2.54 29.05
N GLY A 53 9.28 2.73 28.71
CA GLY A 53 8.50 3.93 29.10
C GLY A 53 7.31 3.57 29.98
N GLY A 54 6.88 4.54 30.80
CA GLY A 54 5.70 4.42 31.67
C GLY A 54 4.86 5.68 31.63
N ASP A 55 4.07 5.92 32.67
CA ASP A 55 3.20 7.11 32.80
C ASP A 55 4.05 8.30 33.27
N GLY A 56 4.37 9.23 32.36
CA GLY A 56 5.04 10.51 32.66
C GLY A 56 6.55 10.42 32.60
N PHE A 57 7.12 9.25 32.26
CA PHE A 57 8.59 9.05 32.28
C PHE A 57 9.03 8.05 31.21
N MET A 58 10.23 8.28 30.66
CA MET A 58 10.99 7.34 29.81
C MET A 58 12.23 6.90 30.60
N CYS A 59 12.58 5.61 30.56
CA CYS A 59 13.82 5.09 31.19
CA CYS A 59 13.79 5.04 31.20
C CYS A 59 14.65 4.32 30.15
N GLY A 60 15.95 4.23 30.41
CA GLY A 60 16.91 3.48 29.57
C GLY A 60 17.97 2.82 30.43
N LEU A 61 18.57 1.74 29.93
CA LEU A 61 19.77 1.11 30.53
C LEU A 61 21.00 1.80 29.93
N LEU A 62 21.75 2.54 30.75
CA LEU A 62 22.98 3.28 30.35
C LEU A 62 24.03 2.28 29.85
N MET A 63 24.68 2.59 28.73
CA MET A 63 25.63 1.69 28.02
C MET A 63 26.90 1.51 28.85
N LEU A 64 27.38 2.57 29.53
CA LEU A 64 28.68 2.57 30.24
C LEU A 64 28.51 2.07 31.68
N SER A 65 27.61 2.68 32.46
CA SER A 65 27.41 2.40 33.91
C SER A 65 26.50 1.18 34.12
N HIS A 66 25.68 0.82 33.12
CA HIS A 66 24.72 -0.31 33.16
C HIS A 66 23.71 -0.09 34.29
N GLN A 67 23.34 1.16 34.55
CA GLN A 67 22.33 1.55 35.57
C GLN A 67 21.09 2.08 34.87
N PRO A 68 19.88 1.90 35.44
CA PRO A 68 18.68 2.56 34.93
C PRO A 68 18.82 4.08 35.06
N TYR A 69 18.30 4.82 34.07
CA TYR A 69 18.28 6.30 34.02
C TYR A 69 16.95 6.75 33.39
N CYS A 70 16.09 7.41 34.18
CA CYS A 70 14.75 7.88 33.76
C CYS A 70 14.77 9.41 33.61
N TRP A 71 13.96 9.92 32.67
CA TRP A 71 13.72 11.38 32.48
C TRP A 71 12.24 11.61 32.19
N GLY A 72 11.76 12.82 32.46
CA GLY A 72 10.33 13.19 32.48
C GLY A 72 9.96 13.75 33.84
N ASN A 73 8.71 13.54 34.27
CA ASN A 73 8.17 14.06 35.53
C ASN A 73 7.02 13.17 35.98
N SER A 74 7.26 12.36 37.03
CA SER A 74 6.28 11.41 37.61
C SER A 74 6.15 11.67 39.11
N ALA A 75 4.91 11.65 39.62
CA ALA A 75 4.59 11.83 41.06
C ALA A 75 4.81 10.52 41.82
N PHE A 76 5.10 9.42 41.12
CA PHE A 76 5.15 8.05 41.68
C PHE A 76 6.58 7.49 41.70
N ILE A 77 7.44 7.91 40.77
CA ILE A 77 8.89 7.52 40.75
C ILE A 77 9.78 8.75 40.59
N GLN A 78 11.03 8.64 41.03
CA GLN A 78 12.08 9.68 40.89
CA GLN A 78 12.07 9.69 40.89
C GLN A 78 12.78 9.49 39.55
N MET A 79 13.26 10.60 38.96
CA MET A 79 13.99 10.59 37.66
C MET A 79 15.50 10.40 37.91
N GLY A 80 16.28 10.27 36.84
CA GLY A 80 17.72 9.93 36.90
C GLY A 80 17.91 8.48 37.32
N VAL A 81 19.04 8.17 37.94
CA VAL A 81 19.35 6.81 38.50
C VAL A 81 18.53 6.65 39.78
N PRO A 82 17.58 5.69 39.83
CA PRO A 82 16.62 5.60 40.93
C PRO A 82 17.27 5.15 42.25
N GLN A 83 16.90 5.79 43.35
CA GLN A 83 17.29 5.43 44.74
C GLN A 83 16.16 4.63 45.38
N PRO A 84 16.44 3.67 46.29
CA PRO A 84 17.80 3.32 46.70
C PRO A 84 18.58 2.57 45.61
N MET A 85 19.86 2.95 45.42
CA MET A 85 20.80 2.32 44.47
C MET A 85 22.11 2.02 45.19
N THR A 86 22.62 0.80 45.05
CA THR A 86 23.97 0.39 45.51
C THR A 86 25.00 0.98 44.54
N LYS A 87 26.01 1.70 45.05
CA LYS A 87 27.11 2.31 44.25
C LYS A 87 27.82 1.21 43.45
N GLY A 88 27.94 1.39 42.13
CA GLY A 88 28.65 0.47 41.23
C GLY A 88 27.78 -0.70 40.76
N ALA A 89 26.52 -0.75 41.18
CA ALA A 89 25.55 -1.81 40.80
C ALA A 89 25.30 -1.74 39.30
N GLU A 90 25.33 -2.90 38.61
CA GLU A 90 25.10 -3.03 37.14
C GLU A 90 23.83 -3.86 36.91
N TYR A 91 23.14 -3.59 35.80
CA TYR A 91 21.84 -4.21 35.41
C TYR A 91 21.93 -4.70 33.97
N LEU A 92 21.25 -5.81 33.67
CA LEU A 92 21.21 -6.45 32.33
C LEU A 92 20.00 -5.93 31.55
N GLU A 93 18.88 -5.68 32.23
CA GLU A 93 17.59 -5.26 31.62
C GLU A 93 16.87 -4.28 32.56
N VAL A 94 15.99 -3.47 31.98
CA VAL A 94 15.01 -2.61 32.71
C VAL A 94 13.65 -2.75 32.03
N SER A 95 12.57 -2.82 32.81
CA SER A 95 11.17 -2.84 32.34
C SER A 95 10.34 -1.87 33.17
N ALA A 96 9.64 -0.94 32.51
CA ALA A 96 8.81 0.12 33.13
C ALA A 96 7.33 -0.21 32.95
N GLY A 97 6.59 -0.30 34.06
CA GLY A 97 5.12 -0.34 34.08
C GLY A 97 4.54 1.05 34.00
N ASP A 98 3.34 1.26 34.54
CA ASP A 98 2.68 2.59 34.60
C ASP A 98 3.43 3.47 35.61
N TYR A 99 3.63 2.98 36.83
CA TYR A 99 4.11 3.75 38.00
C TYR A 99 5.25 3.00 38.71
N HIS A 100 5.97 2.13 38.00
CA HIS A 100 7.09 1.33 38.58
C HIS A 100 8.13 1.02 37.51
N LEU A 101 9.37 0.81 37.93
CA LEU A 101 10.51 0.34 37.11
C LEU A 101 11.17 -0.85 37.82
N CYS A 102 11.47 -1.92 37.08
CA CYS A 102 12.23 -3.11 37.58
C CYS A 102 13.53 -3.25 36.78
N GLY A 103 14.63 -3.57 37.46
CA GLY A 103 15.94 -3.82 36.86
C GLY A 103 16.45 -5.22 37.19
N LEU A 104 16.88 -5.97 36.17
CA LEU A 104 17.53 -7.30 36.34
C LEU A 104 18.99 -7.07 36.75
N ARG A 105 19.28 -7.22 38.04
CA ARG A 105 20.60 -6.94 38.67
C ARG A 105 21.64 -7.93 38.15
N LYS A 106 22.75 -7.43 37.58
CA LYS A 106 23.89 -8.24 37.07
C LYS A 106 24.67 -8.80 38.27
N PRO A 107 24.87 -10.14 38.35
CA PRO A 107 25.62 -10.73 39.46
C PRO A 107 27.14 -10.62 39.27
N ILE A 117 26.78 -13.33 30.60
CA ILE A 117 25.85 -12.89 31.70
C ILE A 117 24.59 -12.28 31.08
N ILE A 118 23.62 -13.13 30.73
CA ILE A 118 22.31 -12.73 30.11
C ILE A 118 21.19 -12.88 31.15
N SER A 119 21.40 -13.67 32.20
CA SER A 119 20.37 -14.02 33.22
C SER A 119 20.81 -13.56 34.62
N SER A 120 19.87 -13.59 35.58
CA SER A 120 20.08 -13.28 37.01
C SER A 120 18.85 -13.71 37.82
N SER A 121 19.03 -13.90 39.13
CA SER A 121 17.98 -14.24 40.12
C SER A 121 17.66 -13.03 41.01
N LEU A 122 18.29 -11.88 40.74
CA LEU A 122 18.20 -10.64 41.53
C LEU A 122 17.47 -9.57 40.71
N VAL A 123 16.30 -9.12 41.20
CA VAL A 123 15.44 -8.09 40.53
C VAL A 123 15.11 -6.99 41.52
N ASP A 124 15.56 -5.76 41.23
CA ASP A 124 15.27 -4.53 42.01
C ASP A 124 14.16 -3.75 41.28
N CYS A 125 13.11 -3.37 42.00
CA CYS A 125 11.98 -2.56 41.47
C CYS A 125 11.82 -1.28 42.30
N TRP A 126 11.44 -0.17 41.64
CA TRP A 126 11.20 1.16 42.25
C TRP A 126 9.82 1.66 41.82
N GLY A 127 9.08 2.30 42.75
CA GLY A 127 7.86 3.07 42.44
C GLY A 127 6.75 2.84 43.45
N TYR A 128 5.51 3.15 43.04
CA TYR A 128 4.27 3.07 43.87
C TYR A 128 4.03 1.62 44.29
N ASN A 129 4.21 1.33 45.59
CA ASN A 129 3.87 0.03 46.23
C ASN A 129 4.67 -1.10 45.58
N MET A 130 5.91 -0.83 45.16
CA MET A 130 6.83 -1.84 44.55
C MET A 130 8.27 -1.31 44.55
N THR A 131 8.74 -0.81 45.70
CA THR A 131 10.16 -0.48 45.98
C THR A 131 10.77 -1.64 46.78
N ARG A 132 11.08 -2.74 46.10
CA ARG A 132 11.42 -4.06 46.68
C ARG A 132 12.69 -4.61 46.03
N ASN A 133 13.46 -5.40 46.80
CA ASN A 133 14.67 -6.15 46.34
C ASN A 133 14.34 -7.65 46.35
N PHE A 134 13.92 -8.18 45.20
CA PHE A 134 13.49 -9.60 45.02
C PHE A 134 14.73 -10.47 44.79
N VAL A 135 14.78 -11.64 45.45
CA VAL A 135 15.80 -12.71 45.25
C VAL A 135 15.05 -14.01 44.94
N PHE A 136 14.94 -14.35 43.65
CA PHE A 136 14.21 -15.55 43.14
C PHE A 136 15.17 -16.74 43.10
N ASP A 137 14.61 -17.95 42.94
CA ASP A 137 15.33 -19.25 43.01
C ASP A 137 15.65 -19.77 41.61
N LYS A 138 15.43 -18.94 40.57
CA LYS A 138 15.69 -19.29 39.14
C LYS A 138 16.46 -18.15 38.47
N GLN A 139 17.20 -18.48 37.41
CA GLN A 139 17.82 -17.50 36.47
C GLN A 139 16.71 -16.96 35.56
N LEU A 140 16.59 -15.63 35.47
CA LEU A 140 15.52 -14.93 34.70
C LEU A 140 16.14 -14.02 33.64
N HIS A 141 15.42 -13.80 32.53
CA HIS A 141 15.72 -12.77 31.51
C HIS A 141 14.39 -12.30 30.89
N SER A 142 14.46 -11.39 29.92
CA SER A 142 13.30 -10.85 29.15
C SER A 142 12.25 -10.28 30.11
N LEU A 143 12.67 -9.37 31.00
CA LEU A 143 11.76 -8.60 31.90
C LEU A 143 10.69 -7.89 31.04
N SER A 144 9.45 -7.89 31.51
CA SER A 144 8.30 -7.19 30.86
C SER A 144 7.32 -6.74 31.95
N ALA A 145 6.95 -5.45 31.93
CA ALA A 145 6.18 -4.77 32.99
C ALA A 145 4.71 -4.62 32.58
N GLY A 146 3.78 -4.99 33.47
CA GLY A 146 2.36 -4.64 33.38
C GLY A 146 2.04 -3.42 34.24
N SER A 147 0.75 -3.12 34.43
CA SER A 147 0.27 -1.97 35.23
C SER A 147 0.57 -2.19 36.72
N GLU A 148 0.27 -3.40 37.23
CA GLU A 148 0.36 -3.74 38.68
C GLU A 148 1.13 -5.05 38.88
N PHE A 149 1.98 -5.44 37.92
CA PHE A 149 2.83 -6.66 37.99
C PHE A 149 4.03 -6.51 37.05
N ASN A 150 4.99 -7.43 37.16
CA ASN A 150 6.17 -7.55 36.27
C ASN A 150 6.42 -9.04 36.00
N CYS A 151 6.81 -9.40 34.77
CA CYS A 151 7.06 -10.81 34.35
C CYS A 151 8.50 -10.95 33.84
N ALA A 152 8.93 -12.20 33.62
CA ALA A 152 10.25 -12.58 33.09
C ALA A 152 10.21 -14.05 32.65
N LEU A 153 11.14 -14.45 31.79
CA LEU A 153 11.28 -15.85 31.30
C LEU A 153 12.40 -16.53 32.09
N SER A 154 12.16 -17.77 32.52
CA SER A 154 13.17 -18.66 33.13
C SER A 154 14.23 -19.02 32.09
N SER A 155 15.51 -18.78 32.39
CA SER A 155 16.67 -19.06 31.50
C SER A 155 16.82 -20.57 31.30
N LYS A 156 16.40 -21.37 32.30
CA LYS A 156 16.58 -22.84 32.34
C LYS A 156 15.57 -23.53 31.42
N ASP A 157 14.27 -23.24 31.58
CA ASP A 157 13.16 -24.01 30.95
C ASP A 157 12.18 -23.08 30.23
N LYS A 158 12.59 -21.85 29.88
CA LYS A 158 11.84 -20.89 29.03
C LYS A 158 10.40 -20.68 29.52
N SER A 159 10.12 -20.97 30.80
CA SER A 159 8.78 -20.80 31.44
C SER A 159 8.60 -19.34 31.86
N VAL A 160 7.36 -18.85 31.85
CA VAL A 160 7.00 -17.46 32.24
C VAL A 160 6.75 -17.40 33.75
N PHE A 161 7.30 -16.37 34.41
CA PHE A 161 7.19 -16.12 35.87
C PHE A 161 6.86 -14.65 36.08
N CYS A 162 5.80 -14.37 36.86
CA CYS A 162 5.29 -13.00 37.16
C CYS A 162 5.14 -12.82 38.67
N TRP A 163 5.28 -11.58 39.15
CA TRP A 163 5.27 -11.22 40.60
C TRP A 163 4.68 -9.82 40.79
N GLY A 164 4.65 -9.33 42.03
CA GLY A 164 4.22 -7.97 42.41
C GLY A 164 2.91 -7.99 43.17
N VAL A 171 -5.72 -11.45 41.18
CA VAL A 171 -4.26 -11.72 41.22
C VAL A 171 -3.77 -12.09 39.80
N ILE A 172 -2.49 -12.47 39.68
CA ILE A 172 -1.83 -12.87 38.40
C ILE A 172 -2.49 -14.16 37.89
N SER A 173 -2.73 -14.24 36.57
CA SER A 173 -3.28 -15.43 35.88
C SER A 173 -2.17 -16.47 35.68
N LEU A 174 -2.46 -17.74 35.96
CA LEU A 174 -1.49 -18.86 35.94
C LEU A 174 -1.45 -19.50 34.55
N ILE A 175 -0.25 -19.83 34.07
CA ILE A 175 0.01 -20.55 32.79
C ILE A 175 0.79 -21.82 33.13
N PRO A 176 0.46 -22.98 32.52
CA PRO A 176 1.27 -24.19 32.65
C PRO A 176 2.76 -23.91 32.39
N LYS A 177 3.64 -24.42 33.26
CA LYS A 177 5.11 -24.21 33.22
C LYS A 177 5.69 -24.93 31.99
N GLU A 178 4.93 -25.85 31.40
CA GLU A 178 5.29 -26.61 30.17
C GLU A 178 5.31 -25.67 28.96
N LYS A 179 4.58 -24.55 29.02
CA LYS A 179 4.52 -23.53 27.94
C LYS A 179 5.88 -22.84 27.81
N LYS A 180 6.58 -23.07 26.69
CA LYS A 180 7.93 -22.54 26.40
C LYS A 180 7.79 -21.30 25.50
N PHE A 181 8.43 -20.19 25.88
CA PHE A 181 8.35 -18.88 25.21
C PHE A 181 9.75 -18.42 24.80
N GLN A 182 9.88 -17.81 23.62
CA GLN A 182 11.13 -17.17 23.12
C GLN A 182 11.04 -15.65 23.34
N LYS A 183 9.83 -15.10 23.44
CA LYS A 183 9.57 -13.67 23.74
C LYS A 183 8.25 -13.52 24.51
N ILE A 184 8.19 -12.53 25.41
CA ILE A 184 6.94 -12.11 26.12
C ILE A 184 6.79 -10.58 26.03
N ALA A 185 5.55 -10.10 26.08
CA ALA A 185 5.19 -8.67 26.12
C ALA A 185 4.02 -8.48 27.07
N ALA A 186 4.30 -7.98 28.28
CA ALA A 186 3.28 -7.59 29.28
C ALA A 186 2.54 -6.35 28.79
N GLY A 187 1.21 -6.38 28.88
CA GLY A 187 0.33 -5.20 28.70
C GLY A 187 -0.17 -4.72 30.05
N GLY A 188 -1.25 -3.93 30.06
CA GLY A 188 -1.87 -3.40 31.29
C GLY A 188 -2.22 -4.51 32.27
N TYR A 189 -3.07 -5.46 31.84
CA TYR A 189 -3.66 -6.52 32.71
C TYR A 189 -3.64 -7.86 31.98
N HIS A 190 -2.65 -8.06 31.11
CA HIS A 190 -2.44 -9.31 30.33
C HIS A 190 -0.96 -9.45 29.97
N VAL A 191 -0.56 -10.65 29.56
CA VAL A 191 0.76 -10.94 28.93
C VAL A 191 0.49 -11.74 27.65
N CYS A 192 1.15 -11.37 26.55
CA CYS A 192 1.23 -12.18 25.31
C CYS A 192 2.67 -12.71 25.17
N GLY A 193 2.81 -13.99 24.83
CA GLY A 193 4.10 -14.66 24.62
C GLY A 193 4.15 -15.36 23.28
N ILE A 194 5.25 -15.18 22.55
CA ILE A 194 5.56 -15.96 21.30
C ILE A 194 6.17 -17.29 21.75
N LEU A 195 5.46 -18.39 21.52
CA LEU A 195 5.89 -19.76 21.90
C LEU A 195 7.24 -20.07 21.23
N ASP A 196 8.11 -20.82 21.91
CA ASP A 196 9.42 -21.27 21.38
C ASP A 196 9.17 -22.20 20.19
N GLY A 197 10.06 -22.19 19.20
CA GLY A 197 10.02 -23.09 18.02
C GLY A 197 9.74 -22.34 16.74
N LEU A 198 9.76 -23.05 15.61
CA LEU A 198 9.58 -22.51 14.23
C LEU A 198 8.19 -21.89 14.07
N GLU A 199 7.16 -22.52 14.66
CA GLU A 199 5.74 -22.08 14.57
C GLU A 199 5.59 -20.66 15.14
N SER A 200 6.33 -20.35 16.21
CA SER A 200 6.37 -19.02 16.89
C SER A 200 4.98 -18.38 16.90
N ARG A 201 3.98 -19.12 17.41
CA ARG A 201 2.57 -18.67 17.53
C ARG A 201 2.42 -17.94 18.87
N VAL A 202 1.56 -16.92 18.92
CA VAL A 202 1.38 -16.04 20.13
C VAL A 202 0.37 -16.69 21.07
N LEU A 203 0.61 -16.61 22.38
CA LEU A 203 -0.33 -17.03 23.45
C LEU A 203 -0.53 -15.86 24.42
N CYS A 204 -1.79 -15.48 24.67
CA CYS A 204 -2.17 -14.30 25.51
C CYS A 204 -3.08 -14.75 26.66
N TRP A 205 -2.83 -14.22 27.87
CA TRP A 205 -3.58 -14.55 29.11
C TRP A 205 -3.56 -13.35 30.06
N GLY A 206 -4.44 -13.34 31.06
CA GLY A 206 -4.50 -12.31 32.11
C GLY A 206 -5.92 -12.01 32.55
N LYS A 207 -6.10 -10.92 33.30
CA LYS A 207 -7.41 -10.46 33.85
C LYS A 207 -8.28 -9.94 32.69
N ASP A 226 -11.33 -9.05 19.87
CA ASP A 226 -10.65 -9.76 18.74
C ASP A 226 -9.73 -10.85 19.31
N LEU A 227 -9.75 -12.03 18.69
CA LEU A 227 -8.92 -13.21 19.07
C LEU A 227 -7.52 -13.02 18.49
N PRO A 228 -6.45 -13.50 19.18
CA PRO A 228 -5.08 -13.36 18.67
C PRO A 228 -4.87 -14.09 17.36
N PRO A 229 -3.90 -13.66 16.51
CA PRO A 229 -3.67 -14.28 15.21
C PRO A 229 -2.99 -15.65 15.32
N LYS A 230 -3.29 -16.54 14.36
CA LYS A 230 -2.74 -17.93 14.29
C LYS A 230 -1.38 -17.93 13.59
N GLU A 231 -1.09 -16.88 12.82
CA GLU A 231 0.14 -16.77 11.97
C GLU A 231 1.37 -16.63 12.86
N PRO A 232 2.54 -17.13 12.43
CA PRO A 232 3.80 -16.90 13.17
C PRO A 232 4.09 -15.40 13.31
N LEU A 233 4.48 -14.95 14.50
CA LEU A 233 4.84 -13.54 14.81
C LEU A 233 6.34 -13.44 15.08
N LEU A 234 6.96 -12.33 14.65
CA LEU A 234 8.38 -11.97 14.92
C LEU A 234 8.46 -11.20 16.24
N ALA A 235 7.51 -10.31 16.50
CA ALA A 235 7.46 -9.42 17.69
C ALA A 235 6.02 -9.31 18.19
N VAL A 236 5.85 -9.02 19.49
CA VAL A 236 4.55 -8.73 20.14
C VAL A 236 4.75 -7.60 21.14
N VAL A 237 3.75 -6.73 21.30
CA VAL A 237 3.71 -5.63 22.28
C VAL A 237 2.34 -5.62 22.96
N GLY A 238 2.27 -5.11 24.19
CA GLY A 238 1.03 -5.03 24.99
C GLY A 238 0.66 -3.60 25.32
N GLY A 239 -0.54 -3.19 24.92
CA GLY A 239 -1.20 -1.96 25.41
C GLY A 239 -1.97 -2.25 26.68
N LYS A 240 -2.81 -1.31 27.13
CA LYS A 240 -3.54 -1.43 28.41
C LYS A 240 -4.62 -2.52 28.30
N PHE A 241 -5.39 -2.55 27.20
CA PHE A 241 -6.50 -3.51 26.97
C PHE A 241 -6.40 -4.16 25.59
N TYR A 242 -5.21 -4.20 25.00
CA TYR A 242 -4.96 -4.76 23.64
C TYR A 242 -3.52 -5.23 23.52
N ALA A 243 -3.22 -5.98 22.45
CA ALA A 243 -1.86 -6.37 22.02
C ALA A 243 -1.74 -6.15 20.52
N CYS A 244 -0.51 -5.96 20.03
CA CYS A 244 -0.17 -5.88 18.59
C CYS A 244 1.07 -6.74 18.32
N GLY A 245 1.23 -7.22 17.10
CA GLY A 245 2.36 -8.04 16.68
C GLY A 245 2.73 -7.80 15.22
N ILE A 246 3.94 -8.21 14.84
CA ILE A 246 4.44 -8.21 13.43
C ILE A 246 4.42 -9.65 12.94
N LYS A 247 3.66 -9.94 11.88
CA LYS A 247 3.59 -11.27 11.21
C LYS A 247 4.93 -11.55 10.53
N ARG A 248 5.45 -12.77 10.65
CA ARG A 248 6.81 -13.13 10.18
C ARG A 248 6.89 -13.08 8.64
N TYR A 249 5.81 -13.45 7.95
CA TYR A 249 5.81 -13.64 6.48
C TYR A 249 5.90 -12.29 5.76
N ASP A 250 5.03 -11.33 6.10
CA ASP A 250 4.87 -10.05 5.36
C ASP A 250 5.23 -8.83 6.23
N HIS A 251 5.69 -9.06 7.47
CA HIS A 251 6.10 -7.99 8.44
C HIS A 251 4.96 -6.99 8.67
N SER A 252 3.71 -7.38 8.41
CA SER A 252 2.51 -6.52 8.57
C SER A 252 2.08 -6.50 10.04
N ALA A 253 1.69 -5.32 10.54
CA ALA A 253 1.16 -5.13 11.91
C ALA A 253 -0.26 -5.70 11.99
N VAL A 254 -0.56 -6.40 13.08
CA VAL A 254 -1.93 -6.88 13.44
C VAL A 254 -2.14 -6.64 14.93
N CYS A 255 -3.30 -6.11 15.31
CA CYS A 255 -3.69 -5.80 16.71
C CYS A 255 -5.00 -6.51 17.06
N TRP A 256 -5.20 -6.81 18.34
CA TRP A 256 -6.39 -7.53 18.88
C TRP A 256 -6.55 -7.18 20.37
N GLY A 257 -7.77 -7.36 20.90
CA GLY A 257 -8.10 -7.17 22.33
C GLY A 257 -9.45 -6.52 22.53
N PHE A 258 -9.65 -5.86 23.67
CA PHE A 258 -10.90 -5.16 24.07
C PHE A 258 -11.00 -3.85 23.28
N PHE A 259 -9.89 -3.12 23.16
CA PHE A 259 -9.78 -1.83 22.41
C PHE A 259 -9.74 -2.11 20.91
N PRO A 265 -7.79 -0.36 14.13
CA PRO A 265 -7.14 -1.67 14.25
C PRO A 265 -5.61 -1.56 14.07
N ALA A 266 -5.15 -1.42 12.83
CA ALA A 266 -3.72 -1.29 12.44
C ALA A 266 -3.60 -0.94 10.97
N PRO A 267 -2.55 -0.21 10.55
CA PRO A 267 -2.28 0.02 9.12
C PRO A 267 -1.80 -1.29 8.47
N THR A 268 -2.35 -1.64 7.32
CA THR A 268 -2.29 -3.00 6.70
C THR A 268 -1.12 -3.09 5.70
N GLY A 269 -0.90 -2.04 4.90
CA GLY A 269 0.01 -2.07 3.73
C GLY A 269 1.47 -1.82 4.09
N ILE A 270 1.78 -1.62 5.38
CA ILE A 270 3.14 -1.24 5.86
C ILE A 270 3.87 -2.50 6.37
N GLY A 271 5.20 -2.54 6.19
CA GLY A 271 6.08 -3.56 6.78
C GLY A 271 7.03 -2.93 7.80
N PHE A 272 6.70 -3.05 9.09
CA PHE A 272 7.53 -2.58 10.23
C PHE A 272 8.57 -3.65 10.58
N TYR A 273 9.71 -3.24 11.13
CA TYR A 273 10.76 -4.14 11.66
C TYR A 273 10.67 -4.23 13.19
N ASP A 274 9.87 -3.36 13.83
CA ASP A 274 9.64 -3.37 15.30
C ASP A 274 8.42 -2.54 15.67
N LEU A 275 7.81 -2.83 16.83
CA LEU A 275 6.64 -2.10 17.40
C LEU A 275 6.96 -1.68 18.84
N ALA A 276 6.29 -0.64 19.31
CA ALA A 276 6.22 -0.21 20.73
C ALA A 276 4.77 0.14 21.06
N ALA A 277 4.33 -0.13 22.30
CA ALA A 277 2.95 0.09 22.76
C ALA A 277 2.96 0.98 24.01
N GLY A 278 2.11 2.01 24.02
CA GLY A 278 1.70 2.76 25.22
C GLY A 278 0.38 2.24 25.74
N ASN A 279 -0.35 3.04 26.52
CA ASN A 279 -1.64 2.63 27.14
C ASN A 279 -2.69 2.41 26.05
N TYR A 280 -2.88 3.38 25.14
CA TYR A 280 -4.01 3.42 24.17
C TYR A 280 -3.53 3.77 22.75
N PHE A 281 -2.27 3.46 22.43
CA PHE A 281 -1.70 3.69 21.07
C PHE A 281 -0.42 2.88 20.89
N THR A 282 -0.15 2.49 19.64
CA THR A 282 1.03 1.70 19.20
C THR A 282 1.79 2.51 18.15
N CYS A 283 3.12 2.41 18.15
CA CYS A 283 4.02 3.00 17.13
C CYS A 283 4.87 1.89 16.51
N GLY A 284 5.07 1.95 15.19
CA GLY A 284 5.96 1.06 14.43
C GLY A 284 7.05 1.85 13.72
N VAL A 285 8.21 1.22 13.50
CA VAL A 285 9.36 1.82 12.77
C VAL A 285 9.58 1.05 11.47
N LEU A 286 9.70 1.78 10.35
CA LEU A 286 9.99 1.23 8.99
C LEU A 286 11.50 1.22 8.77
N THR A 287 12.16 2.35 9.05
CA THR A 287 13.62 2.58 8.83
C THR A 287 14.14 3.59 9.87
N GLY A 288 15.44 3.87 9.83
CA GLY A 288 16.12 4.80 10.74
C GLY A 288 16.44 6.13 10.07
N THR A 289 15.62 6.55 9.11
CA THR A 289 15.66 7.89 8.47
C THR A 289 15.09 8.91 9.46
N SER A 290 15.56 10.16 9.42
CA SER A 290 15.17 11.27 10.33
C SER A 290 13.70 11.64 10.08
N MET A 291 12.79 11.08 10.86
CA MET A 291 11.32 11.33 10.76
C MET A 291 10.64 11.01 12.11
N SER A 292 9.47 11.63 12.35
CA SER A 292 8.59 11.33 13.52
C SER A 292 7.95 9.97 13.31
N PRO A 293 7.54 9.26 14.39
CA PRO A 293 7.12 7.87 14.28
C PRO A 293 5.72 7.67 13.68
N VAL A 294 5.49 6.51 13.06
CA VAL A 294 4.16 6.07 12.53
C VAL A 294 3.38 5.44 13.70
N CYS A 295 2.37 6.14 14.21
CA CYS A 295 1.59 5.73 15.41
C CYS A 295 0.09 5.80 15.11
N TRP A 296 -0.68 4.93 15.76
CA TRP A 296 -2.16 4.84 15.65
C TRP A 296 -2.77 4.51 17.01
N GLY A 297 -3.96 5.07 17.29
CA GLY A 297 -4.71 4.87 18.54
C GLY A 297 -5.67 3.71 18.43
N LEU A 298 -5.89 2.98 19.52
CA LEU A 298 -6.84 1.83 19.60
C LEU A 298 -7.18 1.57 21.08
N GLY A 299 -8.25 2.19 21.57
CA GLY A 299 -8.72 2.10 22.97
C GLY A 299 -9.10 3.47 23.52
N LEU B 1 -22.09 -5.37 -19.10
CA LEU B 1 -22.75 -4.29 -18.30
C LEU B 1 -22.02 -2.96 -18.52
N GLY B 2 -22.72 -1.85 -18.34
CA GLY B 2 -22.14 -0.49 -18.23
C GLY B 2 -22.00 0.18 -19.58
N SER B 3 -21.07 1.14 -19.66
CA SER B 3 -20.92 2.11 -20.77
C SER B 3 -19.71 1.75 -21.63
N MET B 4 -19.61 2.38 -22.81
CA MET B 4 -18.39 2.32 -23.67
C MET B 4 -17.26 3.01 -22.93
N SER B 5 -16.08 2.38 -22.90
CA SER B 5 -14.89 2.85 -22.13
C SER B 5 -13.61 2.35 -22.81
N SER B 6 -12.46 2.82 -22.35
CA SER B 6 -11.12 2.37 -22.79
C SER B 6 -10.82 0.98 -22.22
N ILE B 7 -11.59 0.57 -21.19
CA ILE B 7 -11.50 -0.77 -20.53
C ILE B 7 -12.92 -1.38 -20.47
N ALA B 8 -13.01 -2.71 -20.46
CA ALA B 8 -14.29 -3.46 -20.48
C ALA B 8 -14.09 -4.85 -19.87
N ILE B 9 -15.19 -5.46 -19.39
CA ILE B 9 -15.19 -6.79 -18.72
C ILE B 9 -16.26 -7.68 -19.38
N SER B 10 -15.86 -8.92 -19.72
CA SER B 10 -16.78 -10.02 -20.12
CA SER B 10 -16.78 -10.02 -20.12
C SER B 10 -16.85 -11.03 -18.97
N TYR B 11 -17.99 -11.72 -18.84
CA TYR B 11 -18.32 -12.58 -17.68
C TYR B 11 -19.21 -13.75 -18.13
N GLY B 12 -19.58 -14.62 -17.17
CA GLY B 12 -20.47 -15.77 -17.37
C GLY B 12 -19.73 -17.08 -17.23
N GLU B 13 -20.41 -18.19 -17.51
CA GLU B 13 -19.87 -19.58 -17.40
C GLU B 13 -18.71 -19.77 -18.39
N GLY B 14 -18.70 -19.00 -19.49
CA GLY B 14 -17.62 -18.99 -20.50
C GLY B 14 -16.28 -18.55 -19.92
N GLY B 15 -16.31 -17.73 -18.86
CA GLY B 15 -15.11 -17.23 -18.16
C GLY B 15 -15.16 -15.72 -17.98
N SER B 16 -14.22 -15.19 -17.19
CA SER B 16 -14.05 -13.75 -16.89
C SER B 16 -12.89 -13.19 -17.72
N VAL B 17 -13.10 -12.08 -18.43
CA VAL B 17 -12.08 -11.44 -19.31
C VAL B 17 -12.09 -9.91 -19.10
N PHE B 18 -10.91 -9.30 -19.04
CA PHE B 18 -10.69 -7.83 -19.05
C PHE B 18 -9.99 -7.47 -20.37
N CYS B 19 -10.55 -6.50 -21.10
CA CYS B 19 -9.95 -5.96 -22.35
C CYS B 19 -9.74 -4.45 -22.17
N GLY B 20 -8.64 -3.93 -22.72
CA GLY B 20 -8.29 -2.50 -22.69
C GLY B 20 -7.66 -2.05 -23.99
N LEU B 21 -7.83 -0.78 -24.36
CA LEU B 21 -7.12 -0.14 -25.49
C LEU B 21 -5.64 -0.05 -25.13
N LYS B 22 -4.75 -0.51 -26.02
CA LYS B 22 -3.29 -0.67 -25.77
C LYS B 22 -2.69 0.70 -25.42
N SER B 23 -1.67 0.70 -24.55
CA SER B 23 -1.05 1.91 -23.94
C SER B 23 -0.20 2.68 -24.97
N ASP B 24 0.23 2.02 -26.05
CA ASP B 24 1.10 2.61 -27.10
C ASP B 24 0.34 3.66 -27.92
N GLY B 25 -0.98 3.77 -27.74
CA GLY B 25 -1.85 4.72 -28.46
C GLY B 25 -2.16 4.23 -29.87
N SER B 26 -2.03 2.92 -30.11
CA SER B 26 -2.27 2.25 -31.42
C SER B 26 -3.78 2.03 -31.64
N HIS B 27 -4.57 2.11 -30.55
CA HIS B 27 -6.04 1.85 -30.54
C HIS B 27 -6.32 0.36 -30.81
N LEU B 28 -5.30 -0.50 -30.66
CA LEU B 28 -5.46 -1.98 -30.67
C LEU B 28 -5.92 -2.42 -29.29
N VAL B 29 -6.50 -3.61 -29.18
CA VAL B 29 -7.09 -4.17 -27.93
C VAL B 29 -6.21 -5.30 -27.41
N VAL B 30 -5.99 -5.34 -26.10
CA VAL B 30 -5.37 -6.48 -25.36
C VAL B 30 -6.43 -7.00 -24.38
N CYS B 31 -6.61 -8.33 -24.34
CA CYS B 31 -7.55 -9.02 -23.42
C CYS B 31 -6.78 -10.01 -22.54
N TYR B 32 -7.21 -10.14 -21.28
CA TYR B 32 -6.72 -11.16 -20.31
C TYR B 32 -7.93 -11.80 -19.62
N GLY B 33 -7.96 -13.13 -19.53
CA GLY B 33 -9.05 -13.85 -18.84
C GLY B 33 -9.28 -15.26 -19.37
N SER B 34 -10.26 -15.96 -18.79
CA SER B 34 -10.46 -17.43 -18.87
C SER B 34 -11.41 -17.83 -20.01
N ASN B 35 -12.02 -16.87 -20.71
CA ASN B 35 -12.83 -17.15 -21.94
C ASN B 35 -11.88 -17.17 -23.14
N SER B 36 -11.55 -18.38 -23.62
CA SER B 36 -10.58 -18.63 -24.71
C SER B 36 -11.09 -18.08 -26.03
N ALA B 37 -12.41 -18.14 -26.27
CA ALA B 37 -13.08 -17.57 -27.46
C ALA B 37 -12.74 -16.07 -27.56
N ILE B 38 -12.89 -15.33 -26.46
CA ILE B 38 -12.61 -13.86 -26.40
C ILE B 38 -11.10 -13.64 -26.54
N LEU B 39 -10.30 -14.34 -25.75
CA LEU B 39 -8.81 -14.18 -25.73
C LEU B 39 -8.25 -14.39 -27.13
N TYR B 40 -8.54 -15.53 -27.77
CA TYR B 40 -7.96 -15.94 -29.07
C TYR B 40 -8.69 -15.23 -30.23
N GLY B 41 -9.92 -14.76 -30.01
CA GLY B 41 -10.71 -14.01 -31.00
C GLY B 41 -10.36 -12.53 -31.04
N THR B 42 -9.57 -12.03 -30.09
CA THR B 42 -9.18 -10.60 -29.98
C THR B 42 -8.47 -10.18 -31.28
N PRO B 43 -9.04 -9.25 -32.07
CA PRO B 43 -8.41 -8.81 -33.32
C PRO B 43 -7.01 -8.24 -33.09
N GLY B 44 -6.07 -8.57 -33.98
CA GLY B 44 -4.66 -8.17 -33.90
C GLY B 44 -4.40 -6.82 -34.56
N HIS B 45 -5.20 -6.45 -35.56
CA HIS B 45 -4.95 -5.29 -36.46
C HIS B 45 -6.13 -4.31 -36.49
N LEU B 46 -7.33 -4.71 -36.06
CA LEU B 46 -8.53 -3.83 -36.04
C LEU B 46 -8.42 -2.83 -34.88
N GLN B 47 -8.61 -1.55 -35.17
CA GLN B 47 -8.45 -0.42 -34.21
C GLN B 47 -9.82 -0.02 -33.66
N PHE B 48 -9.87 0.29 -32.36
CA PHE B 48 -11.12 0.61 -31.60
C PHE B 48 -10.95 1.92 -30.83
N ILE B 49 -12.07 2.61 -30.60
CA ILE B 49 -12.13 3.89 -29.84
C ILE B 49 -12.90 3.68 -28.52
N GLY B 50 -13.46 2.48 -28.30
CA GLY B 50 -14.20 2.14 -27.07
C GLY B 50 -14.56 0.67 -27.00
N LEU B 51 -14.73 0.14 -25.79
CA LEU B 51 -15.01 -1.29 -25.51
C LEU B 51 -16.20 -1.42 -24.57
N THR B 52 -16.92 -2.54 -24.65
CA THR B 52 -18.06 -2.92 -23.75
C THR B 52 -18.26 -4.43 -23.85
N GLY B 53 -18.43 -5.10 -22.70
CA GLY B 53 -18.50 -6.56 -22.59
C GLY B 53 -19.82 -7.04 -22.01
N GLY B 54 -20.21 -8.27 -22.35
CA GLY B 54 -21.41 -8.95 -21.83
C GLY B 54 -21.09 -10.38 -21.44
N ASP B 55 -22.11 -11.24 -21.41
CA ASP B 55 -21.97 -12.69 -21.08
C ASP B 55 -21.38 -13.41 -22.30
N GLY B 56 -20.08 -13.74 -22.23
CA GLY B 56 -19.39 -14.60 -23.21
C GLY B 56 -18.95 -13.85 -24.47
N PHE B 57 -19.05 -12.52 -24.50
CA PHE B 57 -18.66 -11.69 -25.66
C PHE B 57 -18.07 -10.36 -25.21
N MET B 58 -17.09 -9.87 -25.98
CA MET B 58 -16.54 -8.49 -25.92
C MET B 58 -16.93 -7.78 -27.22
N CYS B 59 -17.30 -6.50 -27.14
CA CYS B 59 -17.57 -5.65 -28.33
C CYS B 59 -16.75 -4.36 -28.23
N GLY B 60 -16.35 -3.82 -29.38
CA GLY B 60 -15.71 -2.50 -29.50
C GLY B 60 -16.33 -1.70 -30.63
N LEU B 61 -16.21 -0.37 -30.56
CA LEU B 61 -16.58 0.55 -31.66
C LEU B 61 -15.35 0.72 -32.56
N LEU B 62 -15.41 0.23 -33.79
CA LEU B 62 -14.31 0.30 -34.79
C LEU B 62 -13.97 1.77 -35.06
N MET B 63 -12.69 2.11 -35.04
CA MET B 63 -12.16 3.50 -35.20
C MET B 63 -12.44 3.99 -36.63
N LEU B 64 -12.25 3.13 -37.63
CA LEU B 64 -12.29 3.47 -39.08
C LEU B 64 -13.76 3.54 -39.56
N SER B 65 -14.54 2.49 -39.32
CA SER B 65 -15.90 2.29 -39.88
C SER B 65 -16.98 2.87 -38.95
N HIS B 66 -16.67 3.03 -37.66
CA HIS B 66 -17.61 3.48 -36.60
C HIS B 66 -18.79 2.50 -36.49
N GLN B 67 -18.52 1.19 -36.65
CA GLN B 67 -19.50 0.09 -36.51
C GLN B 67 -19.13 -0.77 -35.31
N PRO B 68 -20.11 -1.36 -34.59
CA PRO B 68 -19.80 -2.29 -33.51
C PRO B 68 -19.19 -3.59 -34.09
N TYR B 69 -18.15 -4.11 -33.43
CA TYR B 69 -17.45 -5.36 -33.80
C TYR B 69 -17.23 -6.19 -32.52
N CYS B 70 -17.82 -7.38 -32.47
CA CYS B 70 -17.84 -8.26 -31.27
C CYS B 70 -17.05 -9.54 -31.54
N TRP B 71 -16.46 -10.12 -30.49
CA TRP B 71 -15.78 -11.44 -30.53
C TRP B 71 -16.05 -12.18 -29.21
N GLY B 72 -15.89 -13.51 -29.23
CA GLY B 72 -16.25 -14.40 -28.12
C GLY B 72 -17.15 -15.52 -28.59
N ASN B 73 -17.99 -16.06 -27.70
CA ASN B 73 -18.91 -17.19 -28.04
CA ASN B 73 -18.87 -17.24 -27.96
C ASN B 73 -20.22 -17.03 -27.26
N SER B 74 -21.04 -16.07 -27.71
CA SER B 74 -22.41 -15.82 -27.21
C SER B 74 -23.41 -16.49 -28.16
N ALA B 75 -24.50 -17.06 -27.61
CA ALA B 75 -25.62 -17.66 -28.36
C ALA B 75 -26.54 -16.56 -28.91
N PHE B 76 -26.41 -15.33 -28.41
CA PHE B 76 -27.39 -14.22 -28.63
C PHE B 76 -26.78 -13.13 -29.51
N ILE B 77 -25.54 -12.71 -29.24
CA ILE B 77 -24.83 -11.69 -30.07
C ILE B 77 -23.86 -12.41 -31.00
N GLN B 78 -23.94 -12.12 -32.31
CA GLN B 78 -23.05 -12.68 -33.37
C GLN B 78 -21.62 -12.20 -33.15
N MET B 79 -20.66 -12.82 -33.85
CA MET B 79 -19.27 -12.31 -33.98
C MET B 79 -19.24 -11.20 -35.04
N GLY B 80 -18.25 -10.31 -34.98
CA GLY B 80 -18.04 -9.23 -35.96
C GLY B 80 -19.13 -8.18 -35.89
N VAL B 81 -19.43 -7.54 -37.02
CA VAL B 81 -20.47 -6.48 -37.14
C VAL B 81 -21.84 -7.15 -37.10
N PRO B 82 -22.67 -6.85 -36.07
CA PRO B 82 -23.93 -7.57 -35.87
C PRO B 82 -24.98 -7.22 -36.92
N GLN B 83 -25.74 -8.22 -37.38
CA GLN B 83 -26.89 -8.06 -38.31
C GLN B 83 -28.18 -8.10 -37.49
N PRO B 84 -29.27 -7.41 -37.92
CA PRO B 84 -29.30 -6.64 -39.15
C PRO B 84 -28.54 -5.30 -39.03
N MET B 85 -27.68 -5.01 -40.01
CA MET B 85 -26.89 -3.75 -40.09
C MET B 85 -27.13 -3.09 -41.45
N THR B 86 -27.43 -1.79 -41.45
CA THR B 86 -27.52 -0.94 -42.67
C THR B 86 -26.10 -0.65 -43.16
N LYS B 87 -25.82 -0.88 -44.44
CA LYS B 87 -24.49 -0.69 -45.06
C LYS B 87 -24.11 0.80 -44.98
N GLY B 88 -22.94 1.09 -44.39
CA GLY B 88 -22.39 2.46 -44.27
C GLY B 88 -22.77 3.13 -42.96
N ALA B 89 -23.73 2.58 -42.22
CA ALA B 89 -24.21 3.10 -40.91
C ALA B 89 -23.03 3.31 -39.97
N GLU B 90 -23.03 4.43 -39.23
CA GLU B 90 -21.98 4.80 -38.24
C GLU B 90 -22.63 4.98 -36.86
N TYR B 91 -21.87 4.71 -35.80
CA TYR B 91 -22.32 4.77 -34.38
C TYR B 91 -21.35 5.63 -33.57
N LEU B 92 -21.87 6.32 -32.55
CA LEU B 92 -21.10 7.23 -31.65
C LEU B 92 -20.68 6.47 -30.38
N GLU B 93 -21.54 5.58 -29.89
CA GLU B 93 -21.30 4.77 -28.66
C GLU B 93 -21.89 3.36 -28.83
N VAL B 94 -21.37 2.41 -28.05
CA VAL B 94 -21.92 1.02 -27.93
C VAL B 94 -21.92 0.62 -26.46
N SER B 95 -23.01 0.02 -25.97
CA SER B 95 -23.15 -0.49 -24.59
C SER B 95 -23.66 -1.94 -24.62
N ALA B 96 -22.88 -2.86 -24.03
CA ALA B 96 -23.18 -4.31 -23.97
C ALA B 96 -23.79 -4.66 -22.61
N GLY B 97 -25.01 -5.21 -22.62
CA GLY B 97 -25.62 -5.90 -21.46
C GLY B 97 -25.22 -7.37 -21.44
N ASP B 98 -25.93 -8.19 -20.66
CA ASP B 98 -25.64 -9.65 -20.52
C ASP B 98 -25.77 -10.32 -21.89
N TYR B 99 -26.89 -10.12 -22.58
CA TYR B 99 -27.29 -10.88 -23.80
C TYR B 99 -27.66 -9.94 -24.94
N HIS B 100 -27.24 -8.66 -24.87
CA HIS B 100 -27.61 -7.63 -25.88
C HIS B 100 -26.51 -6.58 -26.01
N LEU B 101 -26.51 -5.89 -27.16
CA LEU B 101 -25.67 -4.71 -27.47
C LEU B 101 -26.59 -3.62 -28.05
N CYS B 102 -26.50 -2.39 -27.54
CA CYS B 102 -27.16 -1.20 -28.10
C CYS B 102 -26.08 -0.24 -28.64
N GLY B 103 -26.34 0.35 -29.81
CA GLY B 103 -25.44 1.32 -30.47
C GLY B 103 -26.17 2.63 -30.74
N LEU B 104 -25.56 3.75 -30.36
CA LEU B 104 -26.10 5.12 -30.60
C LEU B 104 -25.76 5.52 -32.05
N ARG B 105 -26.77 5.50 -32.92
CA ARG B 105 -26.65 5.75 -34.38
C ARG B 105 -26.20 7.21 -34.62
N LYS B 106 -25.26 7.40 -35.55
CA LYS B 106 -24.70 8.74 -35.90
C LYS B 106 -25.55 9.38 -37.00
N PRO B 107 -26.03 10.63 -36.81
CA PRO B 107 -26.74 11.36 -37.85
C PRO B 107 -25.78 12.11 -38.80
N ILE B 118 -22.21 14.31 -31.15
CA ILE B 118 -22.05 13.85 -29.73
C ILE B 118 -23.27 13.02 -29.33
N SER B 119 -24.47 13.57 -29.49
CA SER B 119 -25.76 12.95 -29.11
C SER B 119 -26.52 12.45 -30.35
N SER B 120 -27.62 11.72 -30.15
CA SER B 120 -28.51 11.19 -31.22
C SER B 120 -29.81 10.64 -30.62
N SER B 121 -30.84 10.52 -31.45
CA SER B 121 -32.21 10.08 -31.09
C SER B 121 -32.45 8.62 -31.54
N LEU B 122 -31.56 8.10 -32.40
CA LEU B 122 -31.68 6.74 -33.00
C LEU B 122 -30.75 5.78 -32.27
N VAL B 123 -31.30 4.69 -31.72
CA VAL B 123 -30.55 3.61 -31.02
C VAL B 123 -30.93 2.27 -31.65
N ASP B 124 -29.94 1.57 -32.21
CA ASP B 124 -30.07 0.18 -32.75
C ASP B 124 -29.51 -0.80 -31.72
N CYS B 125 -30.30 -1.81 -31.34
CA CYS B 125 -29.91 -2.86 -30.37
C CYS B 125 -29.99 -4.24 -31.03
N TRP B 126 -29.15 -5.18 -30.58
CA TRP B 126 -29.05 -6.58 -31.08
C TRP B 126 -28.98 -7.53 -29.88
N GLY B 127 -29.46 -8.76 -30.05
CA GLY B 127 -29.33 -9.85 -29.05
C GLY B 127 -30.69 -10.32 -28.55
N TYR B 128 -30.68 -11.02 -27.40
CA TYR B 128 -31.86 -11.70 -26.81
C TYR B 128 -32.94 -10.67 -26.44
N ASN B 129 -34.07 -10.72 -27.15
CA ASN B 129 -35.29 -9.91 -26.87
C ASN B 129 -34.98 -8.41 -27.04
N MET B 130 -33.95 -8.07 -27.81
CA MET B 130 -33.42 -6.68 -27.93
C MET B 130 -33.00 -6.37 -29.39
N THR B 131 -33.36 -7.21 -30.36
CA THR B 131 -33.04 -6.99 -31.80
C THR B 131 -34.10 -6.06 -32.39
N ARG B 132 -33.93 -4.75 -32.21
CA ARG B 132 -34.95 -3.71 -32.51
C ARG B 132 -34.27 -2.34 -32.70
N ASN B 133 -34.88 -1.47 -33.51
CA ASN B 133 -34.45 -0.08 -33.79
C ASN B 133 -35.38 0.88 -33.04
N PHE B 134 -34.84 1.61 -32.06
CA PHE B 134 -35.57 2.59 -31.20
C PHE B 134 -35.42 4.01 -31.76
N VAL B 135 -36.53 4.74 -31.84
CA VAL B 135 -36.59 6.18 -32.24
C VAL B 135 -37.16 6.98 -31.06
N PHE B 136 -36.30 7.73 -30.36
CA PHE B 136 -36.65 8.52 -29.14
C PHE B 136 -36.83 9.99 -29.50
N ASP B 137 -37.48 10.76 -28.62
CA ASP B 137 -37.80 12.20 -28.81
C ASP B 137 -36.88 13.05 -27.92
N LYS B 138 -35.63 12.60 -27.74
CA LYS B 138 -34.59 13.29 -26.93
C LYS B 138 -33.21 12.94 -27.48
N GLN B 139 -32.32 13.93 -27.57
CA GLN B 139 -30.89 13.74 -27.94
C GLN B 139 -30.19 13.03 -26.76
N LEU B 140 -29.78 11.77 -26.98
CA LEU B 140 -29.22 10.88 -25.92
C LEU B 140 -27.70 10.75 -26.09
N HIS B 141 -26.99 10.48 -24.98
CA HIS B 141 -25.56 10.09 -24.95
C HIS B 141 -25.29 9.27 -23.69
N SER B 142 -24.05 8.80 -23.52
CA SER B 142 -23.57 7.99 -22.37
C SER B 142 -24.48 6.77 -22.19
N LEU B 143 -24.61 5.94 -23.24
CA LEU B 143 -25.32 4.64 -23.19
C LEU B 143 -24.72 3.79 -22.07
N SER B 144 -25.57 3.16 -21.25
CA SER B 144 -25.17 2.25 -20.14
C SER B 144 -26.15 1.07 -20.07
N ALA B 145 -25.64 -0.15 -20.24
CA ALA B 145 -26.44 -1.39 -20.41
C ALA B 145 -26.61 -2.10 -19.06
N GLY B 146 -27.84 -2.54 -18.76
CA GLY B 146 -28.16 -3.47 -17.66
C GLY B 146 -28.22 -4.90 -18.14
N SER B 147 -28.76 -5.82 -17.33
CA SER B 147 -28.87 -7.27 -17.65
C SER B 147 -29.74 -7.46 -18.90
N GLU B 148 -30.97 -6.96 -18.88
CA GLU B 148 -31.96 -7.13 -19.98
C GLU B 148 -32.58 -5.78 -20.35
N PHE B 149 -32.00 -4.66 -19.89
CA PHE B 149 -32.45 -3.28 -20.18
C PHE B 149 -31.22 -2.42 -20.51
N ASN B 150 -31.45 -1.22 -21.05
CA ASN B 150 -30.38 -0.26 -21.44
C ASN B 150 -30.84 1.17 -21.08
N CYS B 151 -29.90 2.05 -20.75
CA CYS B 151 -30.16 3.45 -20.30
C CYS B 151 -29.22 4.43 -21.00
N ALA B 152 -29.46 5.73 -20.81
CA ALA B 152 -28.67 6.84 -21.39
C ALA B 152 -29.05 8.16 -20.69
N LEU B 153 -28.31 9.23 -20.99
CA LEU B 153 -28.56 10.61 -20.47
C LEU B 153 -29.09 11.48 -21.60
N SER B 154 -30.08 12.34 -21.31
CA SER B 154 -30.56 13.43 -22.20
C SER B 154 -29.50 14.54 -22.20
N SER B 155 -28.99 14.92 -23.38
CA SER B 155 -27.93 15.95 -23.56
C SER B 155 -28.48 17.34 -23.27
N LYS B 156 -29.81 17.52 -23.28
CA LYS B 156 -30.50 18.82 -23.05
C LYS B 156 -30.84 18.97 -21.56
N ASP B 157 -31.47 17.96 -20.96
CA ASP B 157 -32.11 18.02 -19.61
C ASP B 157 -31.26 17.31 -18.55
N LYS B 158 -30.23 16.55 -18.96
CA LYS B 158 -29.33 15.76 -18.07
C LYS B 158 -30.14 14.74 -17.26
N SER B 159 -31.32 14.35 -17.75
CA SER B 159 -32.21 13.33 -17.13
C SER B 159 -31.84 11.94 -17.68
N VAL B 160 -32.21 10.88 -16.95
CA VAL B 160 -31.92 9.47 -17.31
C VAL B 160 -33.15 8.88 -18.02
N PHE B 161 -32.92 8.17 -19.13
CA PHE B 161 -33.97 7.48 -19.94
C PHE B 161 -33.52 6.03 -20.17
N CYS B 162 -34.38 5.06 -19.81
CA CYS B 162 -34.11 3.60 -19.87
C CYS B 162 -35.18 2.90 -20.71
N TRP B 163 -34.76 1.93 -21.54
CA TRP B 163 -35.63 1.09 -22.41
C TRP B 163 -35.24 -0.39 -22.25
N GLY B 164 -36.04 -1.29 -22.82
CA GLY B 164 -35.97 -2.75 -22.60
C GLY B 164 -36.93 -3.19 -21.52
N ASP B 165 -36.87 -4.45 -21.10
CA ASP B 165 -37.80 -5.03 -20.09
C ASP B 165 -37.19 -4.83 -18.69
N GLU B 166 -37.94 -4.18 -17.79
CA GLU B 166 -37.59 -3.97 -16.37
C GLU B 166 -38.64 -4.66 -15.49
N ASN B 167 -39.07 -5.86 -15.89
CA ASN B 167 -40.14 -6.65 -15.20
C ASN B 167 -39.56 -7.30 -13.94
N SER B 168 -38.28 -7.66 -13.97
CA SER B 168 -37.55 -8.38 -12.87
C SER B 168 -36.68 -7.41 -12.06
N SER B 169 -36.81 -6.10 -12.30
CA SER B 169 -35.96 -5.03 -11.70
C SER B 169 -36.81 -3.82 -11.29
N GLN B 170 -37.60 -3.29 -12.23
CA GLN B 170 -38.48 -2.09 -12.06
C GLN B 170 -37.59 -0.83 -12.03
N VAL B 171 -36.58 -0.77 -12.90
CA VAL B 171 -35.59 0.35 -12.98
C VAL B 171 -36.20 1.52 -13.78
N ILE B 172 -37.00 1.23 -14.80
CA ILE B 172 -37.64 2.25 -15.68
C ILE B 172 -38.73 2.98 -14.86
N SER B 173 -39.49 2.25 -14.05
CA SER B 173 -40.62 2.75 -13.22
C SER B 173 -40.10 3.67 -12.11
N LEU B 174 -38.99 3.30 -11.46
CA LEU B 174 -38.45 3.98 -10.26
C LEU B 174 -37.39 5.03 -10.63
N ILE B 175 -37.45 5.60 -11.84
CA ILE B 175 -36.55 6.69 -12.29
C ILE B 175 -36.98 7.99 -11.59
N PRO B 176 -36.05 8.71 -10.92
CA PRO B 176 -36.32 10.06 -10.46
C PRO B 176 -36.13 11.07 -11.60
N LYS B 177 -37.17 11.22 -12.45
CA LYS B 177 -37.21 12.14 -13.62
C LYS B 177 -36.98 13.58 -13.14
N GLU B 178 -37.40 13.88 -11.90
CA GLU B 178 -37.22 15.19 -11.21
C GLU B 178 -35.76 15.66 -11.29
N LYS B 179 -34.80 14.75 -11.09
CA LYS B 179 -33.39 15.08 -10.78
C LYS B 179 -32.48 14.89 -12.00
N LYS B 180 -31.35 15.60 -12.03
CA LYS B 180 -30.36 15.65 -13.14
C LYS B 180 -29.11 14.86 -12.75
N PHE B 181 -28.39 14.33 -13.75
CA PHE B 181 -27.18 13.47 -13.59
C PHE B 181 -26.09 13.89 -14.58
N GLN B 182 -24.82 13.71 -14.19
CA GLN B 182 -23.62 14.02 -15.02
C GLN B 182 -22.95 12.72 -15.48
N LYS B 183 -23.13 11.62 -14.75
CA LYS B 183 -22.69 10.24 -15.14
C LYS B 183 -23.70 9.22 -14.61
N ILE B 184 -23.82 8.08 -15.30
CA ILE B 184 -24.72 6.94 -14.92
C ILE B 184 -23.96 5.62 -15.11
N ALA B 185 -24.38 4.59 -14.36
CA ALA B 185 -23.90 3.19 -14.47
C ALA B 185 -25.07 2.23 -14.22
N ALA B 186 -25.57 1.60 -15.29
CA ALA B 186 -26.57 0.51 -15.23
C ALA B 186 -25.91 -0.74 -14.66
N GLY B 187 -26.57 -1.40 -13.71
CA GLY B 187 -26.14 -2.68 -13.12
C GLY B 187 -27.02 -3.83 -13.60
N GLY B 188 -27.00 -4.95 -12.89
CA GLY B 188 -27.85 -6.12 -13.21
C GLY B 188 -29.33 -5.78 -13.14
N TYR B 189 -29.79 -5.30 -11.99
CA TYR B 189 -31.23 -5.03 -11.69
C TYR B 189 -31.35 -3.70 -10.92
N HIS B 190 -30.57 -2.69 -11.34
CA HIS B 190 -30.52 -1.34 -10.73
C HIS B 190 -29.78 -0.38 -11.66
N VAL B 191 -29.94 0.93 -11.43
CA VAL B 191 -29.17 2.02 -12.09
C VAL B 191 -28.69 2.99 -11.00
N CYS B 192 -27.38 3.27 -10.97
CA CYS B 192 -26.74 4.29 -10.11
C CYS B 192 -26.31 5.48 -10.98
N GLY B 193 -26.54 6.70 -10.51
CA GLY B 193 -26.17 7.95 -11.21
C GLY B 193 -25.48 8.92 -10.28
N ILE B 194 -24.45 9.62 -10.78
CA ILE B 194 -23.77 10.74 -10.07
C ILE B 194 -24.60 12.01 -10.34
N LEU B 195 -25.21 12.57 -9.29
CA LEU B 195 -26.08 13.77 -9.38
C LEU B 195 -25.27 14.95 -9.92
N ASP B 196 -25.89 15.80 -10.74
CA ASP B 196 -25.27 17.02 -11.31
C ASP B 196 -25.01 18.02 -10.19
N GLY B 197 -23.85 18.69 -10.22
CA GLY B 197 -23.44 19.72 -9.24
C GLY B 197 -22.06 19.45 -8.67
N LEU B 198 -21.68 20.22 -7.64
CA LEU B 198 -20.36 20.13 -6.96
C LEU B 198 -20.36 18.96 -5.98
N GLU B 199 -21.54 18.61 -5.43
CA GLU B 199 -21.71 17.54 -4.42
C GLU B 199 -21.37 16.17 -5.02
N SER B 200 -21.78 15.93 -6.27
CA SER B 200 -21.53 14.68 -7.05
C SER B 200 -21.89 13.44 -6.22
N ARG B 201 -23.03 13.50 -5.49
CA ARG B 201 -23.54 12.36 -4.68
C ARG B 201 -24.20 11.35 -5.63
N VAL B 202 -24.02 10.05 -5.35
CA VAL B 202 -24.61 8.93 -6.15
C VAL B 202 -26.03 8.68 -5.66
N LEU B 203 -26.95 8.46 -6.60
CA LEU B 203 -28.38 8.09 -6.34
C LEU B 203 -28.69 6.81 -7.13
N CYS B 204 -29.10 5.75 -6.41
CA CYS B 204 -29.33 4.39 -6.96
C CYS B 204 -30.79 3.97 -6.76
N TRP B 205 -31.40 3.36 -7.79
CA TRP B 205 -32.79 2.81 -7.75
C TRP B 205 -32.81 1.43 -8.42
N GLY B 206 -33.68 0.53 -7.95
CA GLY B 206 -33.79 -0.87 -8.39
C GLY B 206 -34.32 -1.76 -7.28
N LYS B 207 -34.33 -3.08 -7.51
CA LYS B 207 -34.82 -4.09 -6.54
C LYS B 207 -34.40 -5.50 -6.97
N SER B 208 -34.42 -6.45 -6.04
CA SER B 208 -34.07 -7.89 -6.24
C SER B 208 -35.08 -8.77 -5.50
N LEU B 225 -26.42 -5.94 2.58
CA LEU B 225 -26.96 -4.83 1.76
C LEU B 225 -26.36 -3.50 2.23
N ASP B 226 -25.15 -3.18 1.77
CA ASP B 226 -24.41 -1.94 2.12
C ASP B 226 -25.06 -0.75 1.39
N LEU B 227 -25.24 0.36 2.11
CA LEU B 227 -25.85 1.62 1.57
C LEU B 227 -24.82 2.36 0.73
N PRO B 228 -25.24 3.18 -0.27
CA PRO B 228 -24.32 3.97 -1.07
C PRO B 228 -23.52 4.98 -0.25
N PRO B 229 -22.35 5.44 -0.75
CA PRO B 229 -21.57 6.47 -0.07
C PRO B 229 -22.11 7.89 -0.33
N LYS B 230 -22.17 8.73 0.71
CA LYS B 230 -22.60 10.14 0.63
C LYS B 230 -21.50 10.99 -0.06
N GLU B 231 -20.24 10.52 0.01
CA GLU B 231 -19.04 11.22 -0.53
C GLU B 231 -19.21 11.52 -2.02
N PRO B 232 -18.60 12.61 -2.53
CA PRO B 232 -18.54 12.87 -3.96
C PRO B 232 -17.80 11.75 -4.73
N LEU B 233 -18.33 11.35 -5.90
CA LEU B 233 -17.72 10.33 -6.80
C LEU B 233 -17.35 10.99 -8.12
N LEU B 234 -16.27 10.50 -8.76
CA LEU B 234 -15.81 10.93 -10.11
C LEU B 234 -16.39 9.98 -11.16
N ALA B 235 -16.39 8.68 -10.89
CA ALA B 235 -16.90 7.62 -11.78
C ALA B 235 -17.74 6.62 -10.98
N VAL B 236 -18.57 5.83 -11.67
CA VAL B 236 -19.44 4.77 -11.09
C VAL B 236 -19.58 3.64 -12.11
N VAL B 237 -19.67 2.39 -11.64
CA VAL B 237 -19.91 1.17 -12.48
C VAL B 237 -20.93 0.29 -11.75
N GLY B 238 -21.60 -0.59 -12.48
CA GLY B 238 -22.66 -1.48 -11.98
C GLY B 238 -22.34 -2.95 -12.24
N GLY B 239 -22.28 -3.75 -11.17
CA GLY B 239 -22.27 -5.22 -11.24
C GLY B 239 -23.68 -5.78 -11.26
N LYS B 240 -23.83 -7.09 -11.09
CA LYS B 240 -25.15 -7.79 -11.14
C LYS B 240 -25.97 -7.38 -9.91
N PHE B 241 -25.41 -7.48 -8.70
CA PHE B 241 -26.08 -7.18 -7.41
C PHE B 241 -25.26 -6.20 -6.57
N TYR B 242 -24.49 -5.32 -7.22
CA TYR B 242 -23.61 -4.33 -6.55
C TYR B 242 -23.27 -3.17 -7.51
N ALA B 243 -22.76 -2.08 -6.94
CA ALA B 243 -22.18 -0.92 -7.65
C ALA B 243 -20.86 -0.54 -6.98
N CYS B 244 -19.90 -0.04 -7.77
CA CYS B 244 -18.62 0.53 -7.29
C CYS B 244 -18.44 1.94 -7.86
N GLY B 245 -17.64 2.78 -7.21
CA GLY B 245 -17.32 4.15 -7.64
C GLY B 245 -15.92 4.57 -7.25
N ILE B 246 -15.37 5.57 -7.96
CA ILE B 246 -14.08 6.24 -7.63
C ILE B 246 -14.39 7.53 -6.85
N LYS B 247 -13.99 7.59 -5.58
CA LYS B 247 -14.12 8.78 -4.71
C LYS B 247 -13.28 9.93 -5.27
N ARG B 248 -13.84 11.13 -5.36
CA ARG B 248 -13.12 12.37 -5.72
C ARG B 248 -12.10 12.71 -4.62
N TYR B 249 -12.37 12.28 -3.38
CA TYR B 249 -11.52 12.49 -2.17
C TYR B 249 -10.08 12.05 -2.43
N ASP B 250 -9.88 10.80 -2.86
CA ASP B 250 -8.55 10.14 -2.94
C ASP B 250 -8.42 9.22 -4.16
N HIS B 251 -9.36 9.29 -5.12
CA HIS B 251 -9.41 8.44 -6.34
C HIS B 251 -9.46 6.95 -5.97
N SER B 252 -9.90 6.61 -4.76
CA SER B 252 -9.99 5.22 -4.23
C SER B 252 -11.33 4.61 -4.60
N ALA B 253 -11.40 3.28 -4.64
CA ALA B 253 -12.61 2.49 -4.99
C ALA B 253 -13.46 2.27 -3.73
N VAL B 254 -14.77 2.49 -3.84
CA VAL B 254 -15.80 2.11 -2.83
C VAL B 254 -16.88 1.30 -3.55
N CYS B 255 -17.29 0.18 -2.96
CA CYS B 255 -18.32 -0.75 -3.50
C CYS B 255 -19.40 -0.99 -2.44
N TRP B 256 -20.67 -0.99 -2.87
CA TRP B 256 -21.86 -1.21 -2.01
C TRP B 256 -22.86 -2.12 -2.72
N GLY B 257 -23.82 -2.67 -1.98
CA GLY B 257 -24.78 -3.69 -2.43
C GLY B 257 -24.64 -4.97 -1.63
N PHE B 258 -24.74 -6.13 -2.29
CA PHE B 258 -24.69 -7.49 -1.66
C PHE B 258 -23.37 -8.17 -2.05
N ALA B 266 -13.34 -4.38 -1.77
CA ALA B 266 -12.57 -3.40 -2.57
C ALA B 266 -11.20 -3.18 -1.95
N PRO B 267 -10.14 -2.88 -2.75
CA PRO B 267 -8.85 -2.49 -2.21
C PRO B 267 -8.92 -1.14 -1.49
N THR B 268 -8.42 -1.08 -0.25
CA THR B 268 -8.50 0.10 0.65
C THR B 268 -7.65 1.24 0.09
N GLY B 269 -6.33 1.03 -0.02
CA GLY B 269 -5.33 2.08 -0.32
C GLY B 269 -4.77 1.97 -1.72
N ILE B 270 -5.63 1.85 -2.73
CA ILE B 270 -5.26 1.91 -4.18
C ILE B 270 -6.10 3.01 -4.84
N GLY B 271 -5.44 3.98 -5.48
CA GLY B 271 -6.09 5.05 -6.26
C GLY B 271 -6.19 4.67 -7.73
N PHE B 272 -7.41 4.68 -8.28
CA PHE B 272 -7.72 4.20 -9.65
C PHE B 272 -7.96 5.39 -10.58
N TYR B 273 -7.62 5.20 -11.86
CA TYR B 273 -7.88 6.16 -12.98
C TYR B 273 -9.29 5.90 -13.53
N ASP B 274 -9.68 4.62 -13.64
CA ASP B 274 -11.02 4.20 -14.15
C ASP B 274 -11.37 2.81 -13.61
N LEU B 275 -12.67 2.48 -13.61
CA LEU B 275 -13.24 1.19 -13.16
C LEU B 275 -14.06 0.57 -14.31
N ALA B 276 -14.12 -0.76 -14.35
CA ALA B 276 -15.07 -1.56 -15.16
C ALA B 276 -15.63 -2.69 -14.28
N ALA B 277 -16.88 -3.10 -14.52
CA ALA B 277 -17.59 -4.12 -13.71
C ALA B 277 -18.16 -5.22 -14.62
N GLY B 278 -18.00 -6.48 -14.19
CA GLY B 278 -18.73 -7.65 -14.71
C GLY B 278 -19.85 -8.03 -13.76
N ASN B 279 -20.37 -9.26 -13.86
CA ASN B 279 -21.52 -9.72 -13.03
C ASN B 279 -21.08 -9.86 -11.57
N TYR B 280 -19.91 -10.46 -11.32
CA TYR B 280 -19.43 -10.82 -9.95
C TYR B 280 -17.97 -10.40 -9.73
N PHE B 281 -17.46 -9.42 -10.48
CA PHE B 281 -16.08 -8.90 -10.32
C PHE B 281 -15.96 -7.49 -10.93
N THR B 282 -15.07 -6.68 -10.35
CA THR B 282 -14.71 -5.31 -10.77
C THR B 282 -13.20 -5.25 -10.99
N CYS B 283 -12.75 -4.51 -12.01
CA CYS B 283 -11.33 -4.24 -12.33
C CYS B 283 -11.09 -2.73 -12.39
N GLY B 284 -9.92 -2.28 -11.93
CA GLY B 284 -9.46 -0.89 -12.02
C GLY B 284 -8.08 -0.81 -12.66
N VAL B 285 -7.79 0.30 -13.33
CA VAL B 285 -6.45 0.62 -13.93
C VAL B 285 -5.88 1.84 -13.22
N LEU B 286 -4.56 1.86 -13.02
CA LEU B 286 -3.83 2.93 -12.28
C LEU B 286 -3.42 4.05 -13.24
N THR B 287 -3.10 3.70 -14.50
CA THR B 287 -2.77 4.65 -15.59
C THR B 287 -3.21 4.08 -16.94
N GLY B 288 -3.18 4.91 -17.99
CA GLY B 288 -3.37 4.50 -19.39
C GLY B 288 -2.05 4.08 -20.03
N THR B 289 -0.93 4.33 -19.34
CA THR B 289 0.46 4.05 -19.78
C THR B 289 0.75 2.54 -19.71
N SER B 290 -0.09 1.77 -19.00
CA SER B 290 -0.01 0.30 -18.91
C SER B 290 -1.40 -0.29 -18.61
N MET B 291 -1.87 -1.21 -19.44
CA MET B 291 -3.18 -1.92 -19.27
C MET B 291 -2.95 -3.21 -18.48
N SER B 292 -2.46 -3.09 -17.25
CA SER B 292 -2.29 -4.17 -16.25
C SER B 292 -3.35 -4.00 -15.16
N PRO B 293 -4.54 -4.62 -15.31
CA PRO B 293 -5.66 -4.35 -14.40
C PRO B 293 -5.51 -4.99 -13.01
N VAL B 294 -6.11 -4.33 -11.99
CA VAL B 294 -6.29 -4.87 -10.62
C VAL B 294 -7.76 -5.26 -10.47
N CYS B 295 -8.06 -6.56 -10.39
CA CYS B 295 -9.43 -7.13 -10.37
C CYS B 295 -9.70 -7.83 -9.04
N TRP B 296 -10.91 -7.71 -8.52
CA TRP B 296 -11.39 -8.40 -7.30
C TRP B 296 -12.83 -8.89 -7.48
N GLY B 297 -13.10 -10.13 -7.06
CA GLY B 297 -14.45 -10.73 -7.07
C GLY B 297 -15.28 -10.22 -5.89
N LEU B 298 -16.55 -9.87 -6.16
CA LEU B 298 -17.51 -9.37 -5.14
C LEU B 298 -18.94 -9.48 -5.69
N GLY B 299 -19.93 -9.52 -4.79
CA GLY B 299 -21.37 -9.59 -5.14
C GLY B 299 -21.81 -10.99 -5.51
N PHE B 300 -20.99 -12.00 -5.20
CA PHE B 300 -21.27 -13.44 -5.45
C PHE B 300 -22.06 -14.01 -4.26
N PRO B 301 -23.10 -14.83 -4.51
CA PRO B 301 -23.91 -15.39 -3.42
C PRO B 301 -23.18 -16.49 -2.61
N ALA B 302 -22.19 -17.14 -3.22
CA ALA B 302 -21.39 -18.23 -2.61
C ALA B 302 -20.33 -17.64 -1.68
N LEU C 1 11.76 -22.78 -12.43
CA LEU C 1 12.75 -22.01 -11.63
C LEU C 1 12.22 -21.79 -10.21
N GLY C 2 13.14 -21.66 -9.25
CA GLY C 2 12.84 -21.20 -7.89
C GLY C 2 12.51 -22.34 -6.94
N SER C 3 11.74 -22.04 -5.89
CA SER C 3 11.49 -22.90 -4.71
C SER C 3 10.06 -23.45 -4.75
N MET C 4 9.78 -24.44 -3.91
CA MET C 4 8.41 -24.96 -3.66
C MET C 4 7.57 -23.83 -3.05
N SER C 5 6.37 -23.61 -3.58
CA SER C 5 5.44 -22.55 -3.14
C SER C 5 3.99 -22.99 -3.36
N SER C 6 3.03 -22.18 -2.92
CA SER C 6 1.57 -22.39 -3.13
C SER C 6 1.19 -21.91 -4.53
N ILE C 7 2.11 -21.20 -5.20
CA ILE C 7 2.01 -20.76 -6.63
C ILE C 7 3.26 -21.23 -7.36
N ALA C 8 3.16 -21.47 -8.67
CA ALA C 8 4.26 -21.98 -9.53
C ALA C 8 4.01 -21.58 -10.99
N ILE C 9 5.09 -21.52 -11.78
CA ILE C 9 5.06 -21.08 -13.19
C ILE C 9 5.79 -22.10 -14.06
N SER C 10 5.15 -22.50 -15.16
CA SER C 10 5.77 -23.23 -16.29
CA SER C 10 5.79 -23.23 -16.29
C SER C 10 5.96 -22.26 -17.45
N TYR C 11 7.01 -22.47 -18.25
CA TYR C 11 7.45 -21.53 -19.32
C TYR C 11 8.03 -22.34 -20.49
N GLY C 12 8.44 -21.65 -21.55
CA GLY C 12 9.09 -22.25 -22.74
C GLY C 12 8.18 -22.25 -23.96
N GLU C 13 8.61 -22.92 -25.02
CA GLU C 13 7.93 -22.94 -26.36
C GLU C 13 6.55 -23.59 -26.25
N GLY C 14 6.35 -24.48 -25.29
CA GLY C 14 5.07 -25.17 -25.04
C GLY C 14 3.99 -24.22 -24.55
N GLY C 15 4.37 -23.06 -24.00
CA GLY C 15 3.46 -22.00 -23.54
C GLY C 15 3.58 -21.78 -22.04
N SER C 16 3.32 -20.57 -21.57
CA SER C 16 3.40 -20.20 -20.13
C SER C 16 2.16 -20.71 -19.41
N VAL C 17 2.31 -21.18 -18.16
CA VAL C 17 1.19 -21.61 -17.28
C VAL C 17 1.47 -21.11 -15.86
N PHE C 18 0.43 -20.58 -15.20
CA PHE C 18 0.42 -20.24 -13.75
C PHE C 18 -0.50 -21.24 -13.04
N CYS C 19 0.03 -21.94 -12.03
CA CYS C 19 -0.72 -22.90 -11.17
C CYS C 19 -0.63 -22.42 -9.72
N GLY C 20 -1.69 -22.68 -8.94
CA GLY C 20 -1.76 -22.34 -7.51
C GLY C 20 -2.60 -23.33 -6.75
N LEU C 21 -2.28 -23.55 -5.47
CA LEU C 21 -3.14 -24.30 -4.53
C LEU C 21 -4.44 -23.51 -4.34
N LYS C 22 -5.59 -24.18 -4.37
CA LYS C 22 -6.93 -23.56 -4.24
C LYS C 22 -7.03 -22.92 -2.84
N SER C 23 -7.71 -21.77 -2.74
CA SER C 23 -7.76 -20.93 -1.51
C SER C 23 -8.89 -21.38 -0.58
N ASP C 24 -9.43 -22.58 -0.78
CA ASP C 24 -10.52 -23.17 0.06
C ASP C 24 -9.94 -24.23 1.00
N GLY C 25 -8.60 -24.36 1.05
CA GLY C 25 -7.88 -25.30 1.93
C GLY C 25 -8.10 -26.75 1.53
N SER C 26 -8.44 -27.01 0.26
CA SER C 26 -8.68 -28.37 -0.29
C SER C 26 -7.34 -29.02 -0.68
N HIS C 27 -6.30 -28.19 -0.91
CA HIS C 27 -4.94 -28.59 -1.34
C HIS C 27 -4.95 -29.10 -2.79
N LEU C 28 -6.07 -28.89 -3.51
CA LEU C 28 -6.18 -29.16 -4.97
C LEU C 28 -5.49 -28.03 -5.74
N VAL C 29 -5.01 -28.33 -6.94
CA VAL C 29 -4.27 -27.36 -7.80
C VAL C 29 -5.16 -26.95 -8.97
N VAL C 30 -5.05 -25.69 -9.38
CA VAL C 30 -5.69 -25.12 -10.61
CA VAL C 30 -5.69 -25.12 -10.61
C VAL C 30 -4.58 -24.46 -11.44
N CYS C 31 -4.61 -24.67 -12.75
CA CYS C 31 -3.61 -24.14 -13.71
C CYS C 31 -4.31 -23.30 -14.79
N TYR C 32 -3.64 -22.24 -15.25
CA TYR C 32 -4.13 -21.32 -16.32
C TYR C 32 -2.94 -20.95 -17.23
N GLY C 33 -3.13 -21.04 -18.55
CA GLY C 33 -2.08 -20.75 -19.53
C GLY C 33 -2.39 -21.32 -20.90
N SER C 34 -1.36 -21.60 -21.69
CA SER C 34 -1.45 -21.96 -23.14
C SER C 34 -0.78 -23.32 -23.42
N ASN C 35 -0.17 -23.98 -22.42
CA ASN C 35 0.39 -25.35 -22.58
C ASN C 35 -0.72 -26.37 -22.30
N SER C 36 -1.33 -26.91 -23.36
CA SER C 36 -2.48 -27.85 -23.31
C SER C 36 -2.11 -29.09 -22.50
N ALA C 37 -0.89 -29.62 -22.66
CA ALA C 37 -0.38 -30.81 -21.92
C ALA C 37 -0.51 -30.56 -20.41
N ILE C 38 -0.10 -29.39 -19.93
CA ILE C 38 -0.16 -29.02 -18.48
C ILE C 38 -1.62 -28.82 -18.07
N LEU C 39 -2.39 -28.02 -18.82
CA LEU C 39 -3.79 -27.67 -18.47
C LEU C 39 -4.64 -28.93 -18.33
N TYR C 40 -4.65 -29.78 -19.36
CA TYR C 40 -5.52 -31.00 -19.43
C TYR C 40 -4.93 -32.11 -18.54
N GLY C 41 -3.62 -32.06 -18.27
CA GLY C 41 -2.91 -33.02 -17.41
C GLY C 41 -3.04 -32.69 -15.93
N THR C 42 -3.47 -31.48 -15.58
CA THR C 42 -3.62 -31.01 -14.17
C THR C 42 -4.52 -31.98 -13.42
N PRO C 43 -4.02 -32.66 -12.35
CA PRO C 43 -4.84 -33.55 -11.54
C PRO C 43 -6.01 -32.80 -10.88
N GLY C 44 -7.21 -33.38 -10.91
CA GLY C 44 -8.45 -32.79 -10.36
C GLY C 44 -8.71 -33.24 -8.93
N HIS C 45 -8.11 -34.37 -8.51
CA HIS C 45 -8.40 -35.05 -7.22
C HIS C 45 -7.14 -35.10 -6.33
N LEU C 46 -5.95 -35.29 -6.91
CA LEU C 46 -4.67 -35.42 -6.15
C LEU C 46 -4.40 -34.11 -5.42
N GLN C 47 -4.06 -34.19 -4.12
CA GLN C 47 -3.81 -33.03 -3.23
C GLN C 47 -2.30 -32.80 -3.10
N PHE C 48 -1.88 -31.53 -3.03
CA PHE C 48 -0.47 -31.09 -3.00
C PHE C 48 -0.26 -30.10 -1.85
N ILE C 49 0.95 -30.08 -1.29
CA ILE C 49 1.39 -29.16 -0.20
C ILE C 49 2.36 -28.12 -0.76
N GLY C 50 2.69 -28.20 -2.05
CA GLY C 50 3.64 -27.29 -2.71
C GLY C 50 3.75 -27.54 -4.21
N LEU C 51 4.15 -26.52 -4.96
CA LEU C 51 4.25 -26.57 -6.45
C LEU C 51 5.58 -25.95 -6.91
N THR C 52 6.09 -26.41 -8.05
CA THR C 52 7.29 -25.87 -8.73
C THR C 52 7.22 -26.27 -10.21
N GLY C 53 7.59 -25.35 -11.11
CA GLY C 53 7.45 -25.53 -12.58
C GLY C 53 8.76 -25.30 -13.30
N GLY C 54 8.93 -25.96 -14.44
CA GLY C 54 10.08 -25.81 -15.36
C GLY C 54 9.61 -25.56 -16.77
N ASP C 55 10.42 -25.94 -17.77
CA ASP C 55 10.10 -25.79 -19.21
C ASP C 55 9.20 -26.96 -19.65
N GLY C 56 7.90 -26.69 -19.82
CA GLY C 56 6.94 -27.64 -20.42
C GLY C 56 6.32 -28.59 -19.40
N PHE C 57 6.60 -28.41 -18.11
CA PHE C 57 6.06 -29.28 -17.03
C PHE C 57 5.83 -28.48 -15.75
N MET C 58 4.87 -28.96 -14.95
CA MET C 58 4.55 -28.50 -13.58
C MET C 58 4.71 -29.70 -12.65
N CYS C 59 5.29 -29.52 -11.46
CA CYS C 59 5.44 -30.57 -10.42
C CYS C 59 4.88 -30.06 -9.10
N GLY C 60 4.42 -30.99 -8.26
CA GLY C 60 3.98 -30.72 -6.89
C GLY C 60 4.44 -31.81 -5.94
N LEU C 61 4.57 -31.48 -4.66
CA LEU C 61 4.81 -32.47 -3.57
C LEU C 61 3.45 -33.00 -3.12
N LEU C 62 3.17 -34.29 -3.37
CA LEU C 62 1.89 -34.96 -3.00
C LEU C 62 1.70 -34.89 -1.49
N MET C 63 0.50 -34.50 -1.04
CA MET C 63 0.16 -34.29 0.39
C MET C 63 0.20 -35.62 1.14
N LEU C 64 -0.31 -36.70 0.53
CA LEU C 64 -0.51 -38.02 1.18
C LEU C 64 0.79 -38.84 1.17
N SER C 65 1.42 -38.99 0.01
CA SER C 65 2.59 -39.89 -0.22
C SER C 65 3.92 -39.13 0.01
N HIS C 66 3.91 -37.80 -0.10
CA HIS C 66 5.10 -36.92 0.03
C HIS C 66 6.13 -37.24 -1.07
N GLN C 67 5.65 -37.60 -2.26
CA GLN C 67 6.48 -37.89 -3.45
C GLN C 67 6.25 -36.79 -4.48
N PRO C 68 7.28 -36.43 -5.29
CA PRO C 68 7.09 -35.50 -6.40
C PRO C 68 6.16 -36.12 -7.45
N TYR C 69 5.25 -35.31 -8.00
CA TYR C 69 4.30 -35.69 -9.09
C TYR C 69 4.26 -34.55 -10.11
N CYS C 70 4.65 -34.85 -11.35
CA CYS C 70 4.76 -33.85 -12.46
C CYS C 70 3.72 -34.16 -13.54
N TRP C 71 3.23 -33.12 -14.21
CA TRP C 71 2.33 -33.23 -15.38
C TRP C 71 2.76 -32.21 -16.43
N GLY C 72 2.36 -32.43 -17.69
CA GLY C 72 2.79 -31.67 -18.86
C GLY C 72 3.46 -32.58 -19.88
N ASN C 73 4.47 -32.07 -20.58
CA ASN C 73 5.22 -32.82 -21.62
C ASN C 73 6.64 -32.23 -21.72
N SER C 74 7.62 -32.91 -21.11
CA SER C 74 9.06 -32.58 -21.19
C SER C 74 9.82 -33.76 -21.79
N ALA C 75 10.77 -33.47 -22.70
CA ALA C 75 11.67 -34.47 -23.30
C ALA C 75 12.68 -34.99 -22.26
N PHE C 76 12.84 -34.27 -21.14
CA PHE C 76 14.00 -34.41 -20.22
C PHE C 76 13.60 -35.03 -18.88
N ILE C 77 12.32 -35.00 -18.49
CA ILE C 77 11.85 -35.56 -17.20
C ILE C 77 10.52 -36.29 -17.41
N GLN C 78 10.38 -37.47 -16.78
CA GLN C 78 9.13 -38.28 -16.76
C GLN C 78 8.05 -37.50 -16.01
N MET C 79 6.80 -37.60 -16.47
CA MET C 79 5.61 -37.12 -15.74
C MET C 79 5.19 -38.17 -14.71
N GLY C 80 4.24 -37.83 -13.83
CA GLY C 80 3.90 -38.61 -12.63
C GLY C 80 5.05 -38.61 -11.64
N VAL C 81 5.21 -39.70 -10.89
CA VAL C 81 6.33 -39.88 -9.91
C VAL C 81 7.57 -40.28 -10.68
N PRO C 82 8.62 -39.43 -10.73
CA PRO C 82 9.77 -39.68 -11.60
C PRO C 82 10.61 -40.88 -11.12
N GLN C 83 11.09 -41.69 -12.07
CA GLN C 83 12.07 -42.77 -11.84
C GLN C 83 13.47 -42.26 -12.16
N PRO C 84 14.54 -42.76 -11.52
CA PRO C 84 14.44 -43.81 -10.49
C PRO C 84 13.85 -43.29 -9.17
N MET C 85 12.97 -44.09 -8.54
CA MET C 85 12.33 -43.79 -7.24
C MET C 85 12.36 -45.05 -6.37
N THR C 86 12.85 -44.92 -5.13
CA THR C 86 12.78 -45.97 -4.08
C THR C 86 11.35 -46.06 -3.58
N LYS C 87 10.78 -47.28 -3.52
CA LYS C 87 9.40 -47.51 -3.03
C LYS C 87 9.27 -46.99 -1.59
N GLY C 88 8.29 -46.12 -1.34
CA GLY C 88 7.98 -45.58 -0.02
C GLY C 88 8.79 -44.35 0.34
N ALA C 89 9.67 -43.90 -0.56
CA ALA C 89 10.55 -42.72 -0.37
C ALA C 89 9.68 -41.47 -0.22
N GLU C 90 9.99 -40.61 0.75
CA GLU C 90 9.24 -39.36 1.06
C GLU C 90 10.19 -38.16 0.91
N TYR C 91 9.62 -37.00 0.57
CA TYR C 91 10.37 -35.74 0.30
C TYR C 91 9.73 -34.59 1.09
N LEU C 92 10.56 -33.64 1.53
CA LEU C 92 10.15 -32.45 2.32
C LEU C 92 9.91 -31.27 1.36
N GLU C 93 10.71 -31.18 0.29
CA GLU C 93 10.67 -30.06 -0.69
C GLU C 93 10.96 -30.59 -2.10
N VAL C 94 10.46 -29.88 -3.11
CA VAL C 94 10.76 -30.10 -4.55
C VAL C 94 11.06 -28.75 -5.20
N SER C 95 12.03 -28.69 -6.10
CA SER C 95 12.42 -27.48 -6.87
C SER C 95 12.68 -27.86 -8.33
N ALA C 96 11.97 -27.22 -9.26
CA ALA C 96 12.04 -27.47 -10.72
C ALA C 96 12.88 -26.36 -11.38
N GLY C 97 13.97 -26.76 -12.04
CA GLY C 97 14.69 -25.94 -13.03
C GLY C 97 14.06 -26.06 -14.40
N ASP C 98 14.75 -25.61 -15.44
CA ASP C 98 14.27 -25.66 -16.84
C ASP C 98 13.99 -27.11 -17.23
N TYR C 99 14.93 -28.02 -16.96
CA TYR C 99 14.97 -29.40 -17.49
C TYR C 99 15.23 -30.43 -16.39
N HIS C 100 15.00 -30.07 -15.12
CA HIS C 100 15.31 -30.97 -13.97
C HIS C 100 14.36 -30.70 -12.79
N LEU C 101 14.24 -31.70 -11.92
CA LEU C 101 13.55 -31.62 -10.61
C LEU C 101 14.51 -32.16 -9.54
N CYS C 102 14.64 -31.47 -8.41
CA CYS C 102 15.36 -31.95 -7.21
C CYS C 102 14.37 -32.09 -6.05
N GLY C 103 14.51 -33.15 -5.27
CA GLY C 103 13.69 -33.45 -4.09
C GLY C 103 14.54 -33.64 -2.85
N LEU C 104 14.30 -32.84 -1.81
CA LEU C 104 14.94 -33.00 -0.47
C LEU C 104 14.36 -34.24 0.21
N ARG C 105 15.13 -35.33 0.24
CA ARG C 105 14.69 -36.68 0.68
C ARG C 105 14.51 -36.68 2.20
N LYS C 106 13.28 -36.88 2.67
CA LYS C 106 12.91 -36.97 4.11
C LYS C 106 13.57 -38.20 4.72
N PRO C 107 14.40 -38.04 5.78
CA PRO C 107 15.05 -39.18 6.42
C PRO C 107 14.09 -39.97 7.34
N ILE C 108 13.34 -39.25 8.18
CA ILE C 108 12.36 -39.84 9.14
C ILE C 108 11.49 -38.70 9.71
N ILE C 117 12.90 -34.46 9.22
CA ILE C 117 11.99 -33.53 9.97
C ILE C 117 11.76 -32.27 9.13
N ILE C 118 12.75 -31.37 9.08
CA ILE C 118 12.69 -30.05 8.36
C ILE C 118 13.80 -29.97 7.31
N SER C 119 14.96 -30.58 7.57
CA SER C 119 16.17 -30.55 6.69
C SER C 119 16.61 -31.98 6.37
N SER C 120 17.55 -32.12 5.43
CA SER C 120 18.15 -33.41 4.99
C SER C 120 19.49 -33.17 4.29
N SER C 121 20.36 -34.18 4.30
CA SER C 121 21.65 -34.23 3.57
C SER C 121 21.48 -34.99 2.25
N LEU C 122 20.32 -35.62 2.05
CA LEU C 122 20.00 -36.47 0.86
C LEU C 122 19.13 -35.67 -0.12
N VAL C 123 19.64 -35.42 -1.33
CA VAL C 123 18.90 -34.74 -2.42
C VAL C 123 18.91 -35.65 -3.66
N ASP C 124 17.71 -36.08 -4.09
CA ASP C 124 17.49 -36.83 -5.35
C ASP C 124 17.03 -35.84 -6.42
N CYS C 125 17.69 -35.85 -7.59
CA CYS C 125 17.33 -35.00 -8.75
C CYS C 125 17.04 -35.88 -9.96
N TRP C 126 16.12 -35.43 -10.82
CA TRP C 126 15.70 -36.09 -12.09
C TRP C 126 15.75 -35.07 -13.22
N GLY C 127 16.15 -35.51 -14.41
CA GLY C 127 16.08 -34.70 -15.65
C GLY C 127 17.43 -34.60 -16.35
N TYR C 128 17.53 -33.63 -17.27
CA TYR C 128 18.70 -33.42 -18.16
C TYR C 128 19.96 -33.18 -17.32
N ASN C 129 20.93 -34.10 -17.41
CA ASN C 129 22.29 -33.96 -16.83
C ASN C 129 22.20 -33.78 -15.32
N MET C 130 21.12 -34.26 -14.69
CA MET C 130 20.81 -34.04 -13.25
C MET C 130 20.17 -35.29 -12.62
N THR C 131 20.15 -36.44 -13.31
CA THR C 131 19.52 -37.69 -12.82
C THR C 131 20.53 -38.44 -11.94
N ARG C 132 20.52 -38.18 -10.63
CA ARG C 132 21.40 -38.84 -9.63
C ARG C 132 20.98 -38.51 -8.20
N ASN C 133 21.48 -39.29 -7.23
CA ASN C 133 21.22 -39.13 -5.78
C ASN C 133 22.44 -38.48 -5.12
N PHE C 134 22.30 -37.22 -4.69
CA PHE C 134 23.35 -36.43 -3.99
C PHE C 134 23.29 -36.72 -2.48
N VAL C 135 24.46 -36.89 -1.86
CA VAL C 135 24.63 -37.08 -0.39
C VAL C 135 25.65 -36.05 0.10
N PHE C 136 25.18 -34.96 0.72
CA PHE C 136 26.01 -33.83 1.21
C PHE C 136 26.36 -34.04 2.69
N ASP C 137 27.15 -33.13 3.27
CA ASP C 137 27.69 -33.22 4.66
C ASP C 137 27.01 -32.16 5.55
N LYS C 138 25.96 -31.50 5.05
CA LYS C 138 25.21 -30.45 5.78
C LYS C 138 23.70 -30.73 5.68
N GLN C 139 22.93 -30.33 6.69
CA GLN C 139 21.45 -30.35 6.69
C GLN C 139 20.96 -29.15 5.87
N LEU C 140 20.24 -29.41 4.78
CA LEU C 140 19.80 -28.38 3.79
C LEU C 140 18.29 -28.17 3.87
N HIS C 141 17.83 -26.98 3.50
CA HIS C 141 16.40 -26.61 3.33
C HIS C 141 16.30 -25.45 2.33
N SER C 142 15.08 -25.11 1.91
CA SER C 142 14.76 -24.02 0.94
C SER C 142 15.47 -24.30 -0.40
N LEU C 143 15.23 -25.47 -0.99
CA LEU C 143 15.68 -25.81 -2.36
C LEU C 143 15.22 -24.71 -3.32
N SER C 144 16.13 -24.22 -4.16
CA SER C 144 15.86 -23.20 -5.22
C SER C 144 16.60 -23.61 -6.50
N ALA C 145 15.84 -23.94 -7.55
CA ALA C 145 16.36 -24.47 -8.84
C ALA C 145 16.71 -23.31 -9.78
N GLY C 146 17.91 -23.37 -10.38
CA GLY C 146 18.30 -22.54 -11.54
C GLY C 146 18.03 -23.27 -12.84
N SER C 147 18.50 -22.73 -13.96
CA SER C 147 18.27 -23.31 -15.32
C SER C 147 18.87 -24.71 -15.41
N GLU C 148 20.13 -24.88 -14.99
CA GLU C 148 20.89 -26.16 -15.10
C GLU C 148 21.63 -26.45 -13.79
N PHE C 149 21.17 -25.89 -12.67
CA PHE C 149 21.76 -26.09 -11.32
C PHE C 149 20.66 -25.96 -10.27
N ASN C 150 20.97 -26.33 -9.04
CA ASN C 150 20.05 -26.24 -7.87
C ASN C 150 20.85 -25.74 -6.67
N CYS C 151 20.21 -24.96 -5.79
CA CYS C 151 20.81 -24.40 -4.55
C CYS C 151 19.90 -24.73 -3.36
N ALA C 152 20.42 -24.52 -2.15
CA ALA C 152 19.70 -24.69 -0.87
C ALA C 152 20.44 -23.91 0.23
N LEU C 153 19.79 -23.74 1.38
CA LEU C 153 20.38 -23.09 2.58
C LEU C 153 20.76 -24.16 3.61
N SER C 154 21.95 -24.04 4.20
CA SER C 154 22.42 -24.88 5.34
C SER C 154 21.61 -24.51 6.58
N SER C 155 20.91 -25.49 7.18
CA SER C 155 20.06 -25.33 8.39
C SER C 155 20.93 -24.92 9.59
N LYS C 156 22.22 -25.25 9.57
CA LYS C 156 23.18 -25.00 10.67
C LYS C 156 23.66 -23.55 10.66
N ASP C 157 24.37 -23.13 9.59
CA ASP C 157 25.13 -21.85 9.55
C ASP C 157 24.51 -20.87 8.55
N LYS C 158 23.35 -21.20 7.97
CA LYS C 158 22.57 -20.32 7.04
C LYS C 158 23.41 -19.98 5.79
N SER C 159 24.41 -20.82 5.46
CA SER C 159 25.26 -20.65 4.26
C SER C 159 24.52 -21.19 3.03
N VAL C 160 24.76 -20.60 1.85
CA VAL C 160 24.19 -21.07 0.56
C VAL C 160 25.10 -22.18 0.01
N PHE C 161 24.50 -23.23 -0.55
CA PHE C 161 25.19 -24.37 -1.21
C PHE C 161 24.46 -24.71 -2.51
N CYS C 162 25.19 -24.72 -3.63
CA CYS C 162 24.67 -25.00 -4.99
C CYS C 162 25.41 -26.19 -5.61
N TRP C 163 24.72 -26.97 -6.43
CA TRP C 163 25.25 -28.16 -7.15
C TRP C 163 24.66 -28.21 -8.56
N GLY C 164 25.28 -28.98 -9.46
CA GLY C 164 24.88 -29.11 -10.87
C GLY C 164 25.86 -28.40 -11.79
N ASP C 165 25.36 -27.88 -12.92
CA ASP C 165 26.17 -27.28 -14.01
C ASP C 165 26.25 -25.76 -13.82
N GLU C 166 27.46 -25.25 -13.55
CA GLU C 166 27.73 -23.80 -13.33
C GLU C 166 28.61 -23.25 -14.46
N ASN C 167 28.93 -24.06 -15.47
CA ASN C 167 29.96 -23.78 -16.51
C ASN C 167 29.77 -22.36 -17.03
N SER C 168 28.56 -21.99 -17.43
CA SER C 168 28.19 -20.66 -17.99
C SER C 168 28.06 -19.62 -16.86
N SER C 169 27.24 -19.92 -15.85
CA SER C 169 26.76 -18.97 -14.80
C SER C 169 27.87 -18.66 -13.78
N GLN C 170 28.62 -19.68 -13.35
CA GLN C 170 29.71 -19.59 -12.33
C GLN C 170 29.08 -19.30 -10.95
N VAL C 171 27.87 -19.83 -10.71
CA VAL C 171 27.07 -19.57 -9.46
C VAL C 171 27.69 -20.33 -8.28
N ILE C 172 28.29 -21.50 -8.51
CA ILE C 172 28.89 -22.34 -7.43
C ILE C 172 30.22 -21.69 -6.98
N SER C 173 31.05 -21.24 -7.92
CA SER C 173 32.41 -20.71 -7.68
C SER C 173 32.36 -19.31 -7.05
N LEU C 174 31.36 -18.49 -7.41
CA LEU C 174 31.23 -17.07 -6.97
C LEU C 174 30.36 -16.96 -5.72
N ILE C 175 30.15 -18.05 -4.97
CA ILE C 175 29.39 -18.06 -3.68
C ILE C 175 30.20 -17.28 -2.64
N PRO C 176 29.61 -16.24 -1.99
CA PRO C 176 30.20 -15.67 -0.78
C PRO C 176 29.89 -16.57 0.42
N LYS C 177 30.74 -17.57 0.68
CA LYS C 177 30.55 -18.66 1.67
C LYS C 177 30.39 -18.08 3.08
N GLU C 178 31.13 -17.02 3.40
CA GLU C 178 31.16 -16.36 4.74
C GLU C 178 29.79 -15.76 5.08
N LYS C 179 29.00 -15.36 4.06
CA LYS C 179 27.70 -14.66 4.24
C LYS C 179 26.64 -15.65 4.74
N LYS C 180 25.74 -15.17 5.61
CA LYS C 180 24.55 -15.91 6.11
C LYS C 180 23.30 -15.32 5.43
N PHE C 181 22.38 -16.18 4.98
CA PHE C 181 21.16 -15.82 4.22
C PHE C 181 19.91 -16.36 4.94
N GLN C 182 18.81 -15.62 4.86
CA GLN C 182 17.48 -16.03 5.41
C GLN C 182 16.59 -16.53 4.27
N LYS C 183 16.86 -16.12 3.02
CA LYS C 183 16.13 -16.58 1.80
C LYS C 183 17.08 -16.58 0.60
N ILE C 184 16.82 -17.46 -0.38
CA ILE C 184 17.58 -17.53 -1.67
C ILE C 184 16.60 -17.69 -2.83
N ALA C 185 17.01 -17.24 -4.01
CA ALA C 185 16.28 -17.39 -5.30
C ALA C 185 17.30 -17.60 -6.42
N ALA C 186 17.45 -18.85 -6.87
CA ALA C 186 18.21 -19.22 -8.08
C ALA C 186 17.46 -18.68 -9.31
N GLY C 187 18.18 -18.01 -10.21
CA GLY C 187 17.67 -17.61 -11.53
C GLY C 187 18.27 -18.48 -12.62
N GLY C 188 18.26 -18.01 -13.87
CA GLY C 188 18.84 -18.73 -15.02
C GLY C 188 20.32 -18.97 -14.82
N TYR C 189 21.10 -17.91 -14.60
CA TYR C 189 22.58 -17.91 -14.55
C TYR C 189 23.06 -16.98 -13.44
N HIS C 190 22.34 -16.98 -12.32
CA HIS C 190 22.66 -16.19 -11.08
C HIS C 190 21.88 -16.78 -9.90
N VAL C 191 22.30 -16.43 -8.68
CA VAL C 191 21.55 -16.67 -7.42
C VAL C 191 21.50 -15.35 -6.66
N CYS C 192 20.30 -14.93 -6.22
CA CYS C 192 20.08 -13.79 -5.31
C CYS C 192 19.72 -14.33 -3.92
N GLY C 193 20.32 -13.76 -2.87
CA GLY C 193 20.04 -14.11 -1.47
C GLY C 193 19.75 -12.86 -0.65
N ILE C 194 18.68 -12.90 0.16
CA ILE C 194 18.39 -11.88 1.20
C ILE C 194 19.29 -12.20 2.41
N LEU C 195 20.26 -11.32 2.68
CA LEU C 195 21.24 -11.48 3.79
C LEU C 195 20.49 -11.55 5.13
N ASP C 196 20.97 -12.39 6.05
CA ASP C 196 20.43 -12.53 7.43
C ASP C 196 20.62 -11.20 8.16
N GLY C 197 19.66 -10.82 9.00
CA GLY C 197 19.70 -9.58 9.81
C GLY C 197 18.52 -8.67 9.52
N LEU C 198 18.43 -7.55 10.23
CA LEU C 198 17.30 -6.59 10.20
C LEU C 198 17.25 -5.87 8.84
N GLU C 199 18.41 -5.58 8.23
CA GLU C 199 18.52 -4.80 6.97
C GLU C 199 17.95 -5.60 5.78
N SER C 200 17.95 -6.93 5.87
CA SER C 200 17.39 -7.87 4.86
C SER C 200 17.77 -7.39 3.44
N ARG C 201 19.05 -7.11 3.22
CA ARG C 201 19.60 -6.58 1.94
C ARG C 201 19.87 -7.76 0.99
N VAL C 202 19.62 -7.57 -0.31
CA VAL C 202 19.77 -8.63 -1.35
C VAL C 202 21.24 -8.62 -1.84
N LEU C 203 21.82 -9.81 -1.99
CA LEU C 203 23.17 -10.05 -2.57
C LEU C 203 23.03 -11.07 -3.70
N CYS C 204 23.43 -10.68 -4.92
CA CYS C 204 23.30 -11.50 -6.15
C CYS C 204 24.69 -11.74 -6.77
N TRP C 205 24.96 -12.97 -7.20
CA TRP C 205 26.24 -13.39 -7.85
C TRP C 205 25.93 -14.29 -9.06
N GLY C 206 26.84 -14.31 -10.04
CA GLY C 206 26.69 -15.04 -11.31
C GLY C 206 27.39 -14.31 -12.44
N LYS C 207 27.14 -14.72 -13.69
CA LYS C 207 27.77 -14.17 -14.92
C LYS C 207 26.71 -13.55 -15.83
N SER C 208 27.02 -12.40 -16.44
CA SER C 208 26.16 -11.66 -17.40
C SER C 208 26.97 -11.29 -18.65
N LEU C 209 27.02 -12.20 -19.64
CA LEU C 209 27.82 -12.06 -20.88
C LEU C 209 26.88 -11.82 -22.07
N GLU C 210 27.19 -10.82 -22.91
CA GLU C 210 26.39 -10.43 -24.10
C GLU C 210 26.44 -11.55 -25.14
N ILE C 224 18.79 -1.20 -20.32
CA ILE C 224 20.19 -1.68 -20.09
C ILE C 224 20.18 -2.73 -18.99
N LEU C 225 20.96 -2.53 -17.92
CA LEU C 225 21.06 -3.45 -16.75
C LEU C 225 20.79 -2.67 -15.46
N ASP C 226 19.64 -2.90 -14.83
CA ASP C 226 19.23 -2.27 -13.54
C ASP C 226 20.00 -2.94 -12.39
N LEU C 227 20.45 -2.15 -11.42
CA LEU C 227 21.21 -2.62 -10.22
C LEU C 227 20.23 -3.15 -9.18
N PRO C 228 20.67 -4.05 -8.27
CA PRO C 228 19.81 -4.54 -7.18
C PRO C 228 19.38 -3.42 -6.22
N PRO C 229 18.19 -3.52 -5.59
CA PRO C 229 17.76 -2.53 -4.61
C PRO C 229 18.52 -2.66 -3.28
N LYS C 230 18.71 -1.53 -2.59
CA LYS C 230 19.39 -1.46 -1.27
C LYS C 230 18.36 -1.65 -0.15
N GLU C 231 17.08 -1.32 -0.42
CA GLU C 231 15.99 -1.37 0.58
CA GLU C 231 15.97 -1.38 0.56
C GLU C 231 15.74 -2.82 1.01
N PRO C 232 15.27 -3.07 2.25
CA PRO C 232 15.00 -4.43 2.72
C PRO C 232 13.94 -5.16 1.90
N LEU C 233 14.14 -6.46 1.64
CA LEU C 233 13.21 -7.32 0.87
C LEU C 233 12.62 -8.41 1.78
N LEU C 234 11.38 -8.83 1.51
CA LEU C 234 10.66 -9.92 2.22
C LEU C 234 10.82 -11.23 1.44
N ALA C 235 10.82 -11.14 0.11
CA ALA C 235 10.89 -12.29 -0.82
C ALA C 235 11.73 -11.92 -2.04
N VAL C 236 12.27 -12.91 -2.74
CA VAL C 236 13.05 -12.73 -3.99
C VAL C 236 12.77 -13.94 -4.90
N VAL C 237 12.65 -13.70 -6.21
CA VAL C 237 12.51 -14.73 -7.27
C VAL C 237 13.55 -14.42 -8.36
N GLY C 238 13.91 -15.43 -9.15
CA GLY C 238 14.88 -15.33 -10.25
C GLY C 238 14.30 -15.82 -11.57
N GLY C 239 14.43 -15.00 -12.61
CA GLY C 239 14.17 -15.38 -14.01
C GLY C 239 15.48 -15.70 -14.73
N LYS C 240 15.45 -15.74 -16.06
CA LYS C 240 16.62 -16.16 -16.88
C LYS C 240 17.76 -15.13 -16.70
N PHE C 241 17.47 -13.85 -16.92
CA PHE C 241 18.48 -12.75 -16.89
C PHE C 241 18.03 -11.61 -15.96
N TYR C 242 17.14 -11.88 -15.00
CA TYR C 242 16.58 -10.86 -14.08
C TYR C 242 16.18 -11.52 -12.75
N ALA C 243 16.05 -10.69 -11.72
CA ALA C 243 15.45 -11.04 -10.41
C ALA C 243 14.37 -10.01 -10.07
N CYS C 244 13.36 -10.40 -9.28
N CYS C 244 13.43 -10.40 -9.22
CA CYS C 244 12.33 -9.51 -8.68
CA CYS C 244 12.42 -9.48 -8.63
C CYS C 244 12.19 -9.85 -7.19
C CYS C 244 12.17 -9.86 -7.18
N GLY C 245 11.85 -8.85 -6.35
CA GLY C 245 11.60 -9.04 -4.91
C GLY C 245 10.45 -8.18 -4.43
N ILE C 246 9.95 -8.47 -3.22
CA ILE C 246 8.91 -7.67 -2.51
C ILE C 246 9.60 -6.81 -1.46
N LYS C 247 9.53 -5.48 -1.61
CA LYS C 247 10.05 -4.50 -0.62
C LYS C 247 9.30 -4.68 0.70
N ARG C 248 10.00 -4.62 1.82
CA ARG C 248 9.41 -4.76 3.18
C ARG C 248 8.50 -3.56 3.47
N TYR C 249 8.95 -2.35 3.11
CA TYR C 249 8.30 -1.06 3.44
C TYR C 249 6.83 -1.06 2.97
N ASP C 250 6.61 -1.24 1.66
CA ASP C 250 5.29 -1.01 0.99
C ASP C 250 4.81 -2.26 0.24
N HIS C 251 5.50 -3.40 0.39
CA HIS C 251 5.15 -4.70 -0.27
C HIS C 251 5.16 -4.58 -1.80
N SER C 252 5.80 -3.56 -2.35
CA SER C 252 5.83 -3.27 -3.81
C SER C 252 6.80 -4.23 -4.50
N ALA C 253 6.56 -4.52 -5.78
CA ALA C 253 7.45 -5.33 -6.65
C ALA C 253 8.57 -4.43 -7.16
N VAL C 254 9.82 -4.88 -6.99
CA VAL C 254 11.04 -4.27 -7.59
C VAL C 254 11.79 -5.38 -8.34
N CYS C 255 12.08 -5.15 -9.62
CA CYS C 255 12.84 -6.10 -10.50
C CYS C 255 14.13 -5.43 -10.96
N TRP C 256 15.18 -6.21 -11.20
CA TRP C 256 16.49 -5.74 -11.70
C TRP C 256 17.15 -6.81 -12.57
N GLY C 257 18.18 -6.43 -13.33
CA GLY C 257 18.87 -7.27 -14.32
C GLY C 257 18.61 -6.79 -15.73
N PHE C 258 18.54 -7.71 -16.70
CA PHE C 258 18.29 -7.42 -18.14
C PHE C 258 16.83 -7.77 -18.46
N PHE C 259 16.15 -6.89 -19.20
CA PHE C 259 14.73 -7.01 -19.61
C PHE C 259 14.64 -7.02 -21.14
N VAL C 260 14.07 -8.09 -21.70
CA VAL C 260 13.94 -8.33 -23.17
C VAL C 260 13.03 -7.25 -23.79
N ASN C 261 12.99 -7.19 -25.13
CA ASN C 261 12.49 -6.04 -25.93
C ASN C 261 11.03 -5.73 -25.57
N ARG C 262 10.10 -6.63 -25.87
CA ARG C 262 8.62 -6.40 -25.76
C ARG C 262 8.13 -6.74 -24.35
N SER C 263 8.95 -6.48 -23.33
CA SER C 263 8.69 -6.83 -21.91
C SER C 263 7.93 -5.70 -21.22
N THR C 264 6.80 -6.01 -20.59
CA THR C 264 5.97 -5.05 -19.80
C THR C 264 6.63 -4.83 -18.44
N PRO C 265 6.63 -3.60 -17.90
CA PRO C 265 7.30 -3.32 -16.62
C PRO C 265 6.53 -3.88 -15.42
N ALA C 266 7.20 -4.02 -14.29
CA ALA C 266 6.61 -4.41 -12.98
C ALA C 266 5.66 -3.32 -12.53
N PRO C 267 4.43 -3.65 -12.08
CA PRO C 267 3.47 -2.65 -11.62
C PRO C 267 3.94 -2.06 -10.27
N THR C 268 4.12 -0.74 -10.21
CA THR C 268 4.76 -0.01 -9.08
C THR C 268 3.71 0.37 -8.02
N GLY C 269 2.41 0.25 -8.33
CA GLY C 269 1.32 0.73 -7.47
C GLY C 269 0.77 -0.36 -6.54
N ILE C 270 1.06 -1.63 -6.83
CA ILE C 270 0.42 -2.82 -6.19
C ILE C 270 1.34 -3.39 -5.10
N GLY C 271 0.78 -3.71 -3.94
CA GLY C 271 1.42 -4.52 -2.90
C GLY C 271 1.23 -6.00 -3.18
N PHE C 272 2.29 -6.81 -3.03
CA PHE C 272 2.29 -8.27 -3.32
C PHE C 272 2.53 -9.07 -2.04
N TYR C 273 1.88 -10.22 -1.93
CA TYR C 273 2.05 -11.21 -0.83
C TYR C 273 3.19 -12.17 -1.20
N ASP C 274 3.25 -12.60 -2.45
CA ASP C 274 4.27 -13.58 -2.93
C ASP C 274 4.41 -13.50 -4.46
N LEU C 275 5.58 -13.86 -4.97
CA LEU C 275 5.92 -13.88 -6.42
C LEU C 275 6.33 -15.29 -6.84
N ALA C 276 6.15 -15.58 -8.14
CA ALA C 276 6.75 -16.72 -8.86
C ALA C 276 7.33 -16.18 -10.18
N ALA C 277 8.41 -16.79 -10.67
CA ALA C 277 9.13 -16.36 -11.89
C ALA C 277 9.18 -17.50 -12.90
N GLY C 278 8.87 -17.19 -14.16
CA GLY C 278 9.24 -18.01 -15.34
C GLY C 278 10.55 -17.52 -15.93
N ASN C 279 10.84 -17.87 -17.18
CA ASN C 279 12.10 -17.50 -17.87
C ASN C 279 12.13 -15.98 -18.10
N TYR C 280 11.06 -15.41 -18.67
CA TYR C 280 11.04 -14.02 -19.18
C TYR C 280 9.86 -13.22 -18.58
N PHE C 281 9.20 -13.73 -17.55
CA PHE C 281 8.01 -13.10 -16.93
C PHE C 281 7.87 -13.52 -15.47
N THR C 282 7.21 -12.67 -14.68
CA THR C 282 6.95 -12.83 -13.23
C THR C 282 5.45 -12.69 -13.00
N CYS C 283 4.90 -13.47 -12.08
CA CYS C 283 3.50 -13.37 -11.59
C CYS C 283 3.51 -13.18 -10.08
N GLY C 284 2.63 -12.33 -9.57
CA GLY C 284 2.47 -12.02 -8.14
C GLY C 284 1.04 -12.19 -7.69
N VAL C 285 0.85 -12.65 -6.45
CA VAL C 285 -0.49 -12.80 -5.81
C VAL C 285 -0.58 -11.82 -4.64
N LEU C 286 -1.79 -11.37 -4.37
N LEU C 286 -1.78 -11.29 -4.39
CA LEU C 286 -2.15 -10.52 -3.19
CA LEU C 286 -2.11 -10.52 -3.16
C LEU C 286 -2.98 -11.39 -2.24
C LEU C 286 -2.99 -11.41 -2.27
N THR C 287 -2.45 -12.57 -1.89
CA THR C 287 -3.16 -13.68 -1.20
C THR C 287 -3.85 -13.22 0.09
N GLY C 288 -4.94 -13.90 0.44
CA GLY C 288 -5.80 -13.59 1.61
C GLY C 288 -6.97 -12.69 1.23
N THR C 289 -7.06 -12.31 -0.05
CA THR C 289 -8.04 -11.32 -0.58
C THR C 289 -8.66 -11.85 -1.87
N SER C 290 -9.55 -11.07 -2.50
CA SER C 290 -10.32 -11.42 -3.72
C SER C 290 -9.51 -11.12 -4.99
N MET C 291 -8.27 -10.67 -4.85
CA MET C 291 -7.44 -10.12 -5.96
C MET C 291 -6.92 -11.25 -6.85
N SER C 292 -7.06 -11.10 -8.18
CA SER C 292 -6.54 -12.04 -9.20
C SER C 292 -5.03 -11.90 -9.29
N PRO C 293 -4.29 -12.98 -9.62
CA PRO C 293 -2.84 -12.88 -9.88
C PRO C 293 -2.54 -11.82 -10.96
N VAL C 294 -1.41 -11.12 -10.81
CA VAL C 294 -0.91 -10.09 -11.75
C VAL C 294 0.44 -10.58 -12.31
N CYS C 295 0.58 -10.59 -13.64
CA CYS C 295 1.82 -11.03 -14.35
C CYS C 295 2.34 -9.88 -15.22
N TRP C 296 3.66 -9.81 -15.37
CA TRP C 296 4.37 -8.82 -16.24
C TRP C 296 5.63 -9.47 -16.81
N GLY C 297 6.22 -8.83 -17.83
CA GLY C 297 7.38 -9.35 -18.58
C GLY C 297 6.99 -9.69 -20.00
N LEU C 298 7.52 -10.80 -20.54
CA LEU C 298 7.26 -11.27 -21.92
C LEU C 298 6.74 -12.72 -21.86
N GLY C 299 5.60 -12.98 -22.50
CA GLY C 299 5.05 -14.33 -22.71
C GLY C 299 4.38 -14.90 -21.48
N PHE C 300 3.90 -14.04 -20.58
CA PHE C 300 3.18 -14.43 -19.33
C PHE C 300 1.80 -14.98 -19.70
N PRO C 301 1.19 -15.85 -18.85
CA PRO C 301 -0.15 -16.37 -19.11
C PRO C 301 -1.19 -15.25 -19.24
N ALA C 302 -2.04 -15.33 -20.27
CA ALA C 302 -3.06 -14.31 -20.60
C ALA C 302 -4.46 -14.82 -20.25
N SER C 303 -4.58 -16.03 -19.70
CA SER C 303 -5.88 -16.74 -19.51
C SER C 303 -6.23 -16.91 -18.02
N ILE C 304 -5.58 -16.15 -17.12
CA ILE C 304 -5.88 -16.20 -15.66
C ILE C 304 -7.21 -15.49 -15.41
N PRO C 305 -8.16 -16.09 -14.66
CA PRO C 305 -9.45 -15.43 -14.37
C PRO C 305 -9.27 -14.15 -13.54
N LEU C 306 -10.35 -13.35 -13.43
CA LEU C 306 -10.34 -12.00 -12.79
C LEU C 306 -10.68 -12.12 -11.29
N GLU C 307 -10.51 -13.31 -10.68
CA GLU C 307 -10.85 -13.59 -9.27
C GLU C 307 -9.63 -14.23 -8.57
N ASN C 308 -9.72 -14.38 -7.24
CA ASN C 308 -8.56 -14.60 -6.31
C ASN C 308 -7.73 -15.82 -6.71
N LEU C 309 -8.36 -16.99 -6.86
CA LEU C 309 -7.69 -18.32 -6.98
C LEU C 309 -7.34 -18.83 -5.57
N LEU D 1 4.67 28.95 3.28
CA LEU D 1 4.69 28.59 1.83
C LEU D 1 3.42 27.80 1.47
N GLY D 2 3.08 27.81 0.18
CA GLY D 2 2.06 26.92 -0.42
C GLY D 2 0.66 27.50 -0.33
N SER D 3 -0.34 26.62 -0.34
CA SER D 3 -1.78 26.94 -0.52
C SER D 3 -2.52 26.77 0.80
N MET D 4 -3.77 27.28 0.86
CA MET D 4 -4.70 27.05 2.00
C MET D 4 -5.02 25.56 2.06
N SER D 5 -4.96 24.96 3.25
CA SER D 5 -5.20 23.51 3.47
C SER D 5 -5.70 23.25 4.91
N SER D 6 -6.08 22.00 5.20
CA SER D 6 -6.56 21.54 6.53
C SER D 6 -5.37 21.41 7.48
N ILE D 7 -4.15 21.38 6.96
CA ILE D 7 -2.87 21.43 7.73
C ILE D 7 -2.00 22.55 7.17
N ALA D 8 -1.06 23.05 7.97
CA ALA D 8 -0.13 24.14 7.59
C ALA D 8 1.11 24.08 8.48
N ILE D 9 2.19 24.71 8.03
CA ILE D 9 3.52 24.69 8.71
C ILE D 9 4.06 26.12 8.83
N SER D 10 4.53 26.48 10.03
CA SER D 10 5.38 27.68 10.27
CA SER D 10 5.38 27.67 10.26
C SER D 10 6.84 27.21 10.45
N TYR D 11 7.78 28.03 10.01
CA TYR D 11 9.23 27.71 9.93
C TYR D 11 10.05 28.97 10.23
N GLY D 12 11.38 28.82 10.26
CA GLY D 12 12.33 29.92 10.52
C GLY D 12 13.00 29.79 11.88
N GLU D 13 13.79 30.80 12.27
CA GLU D 13 14.63 30.79 13.49
C GLU D 13 13.74 30.82 14.75
N GLY D 14 12.49 31.27 14.61
CA GLY D 14 11.49 31.28 15.70
C GLY D 14 11.04 29.89 16.10
N GLY D 15 11.32 28.88 15.27
CA GLY D 15 11.00 27.47 15.54
C GLY D 15 9.94 26.95 14.58
N SER D 16 9.96 25.65 14.28
CA SER D 16 8.99 24.99 13.38
C SER D 16 7.71 24.68 14.15
N VAL D 17 6.56 24.87 13.51
CA VAL D 17 5.21 24.52 14.08
C VAL D 17 4.39 23.83 13.00
N PHE D 18 3.70 22.75 13.38
CA PHE D 18 2.67 22.07 12.57
C PHE D 18 1.30 22.39 13.19
N CYS D 19 0.37 22.91 12.39
CA CYS D 19 -1.03 23.22 12.79
C CYS D 19 -1.98 22.45 11.89
N GLY D 20 -3.11 22.00 12.46
CA GLY D 20 -4.16 21.28 11.71
C GLY D 20 -5.55 21.55 12.29
N LEU D 21 -6.57 21.48 11.44
CA LEU D 21 -7.98 21.42 11.86
C LEU D 21 -8.20 20.08 12.55
N LYS D 22 -8.90 20.07 13.69
CA LYS D 22 -9.15 18.85 14.51
C LYS D 22 -9.92 17.82 13.69
N SER D 23 -9.66 16.53 13.95
CA SER D 23 -10.25 15.36 13.23
C SER D 23 -11.75 15.25 13.52
N ASP D 24 -12.22 15.79 14.65
CA ASP D 24 -13.63 15.73 15.11
C ASP D 24 -14.54 16.48 14.13
N GLY D 25 -13.99 17.39 13.32
CA GLY D 25 -14.73 18.18 12.31
C GLY D 25 -15.26 19.48 12.88
N SER D 26 -14.75 19.91 14.04
CA SER D 26 -15.16 21.14 14.77
C SER D 26 -14.59 22.38 14.08
N HIS D 27 -13.58 22.20 13.21
CA HIS D 27 -12.87 23.26 12.46
C HIS D 27 -12.05 24.14 13.42
N LEU D 28 -11.86 23.68 14.65
CA LEU D 28 -10.91 24.28 15.62
C LEU D 28 -9.50 23.84 15.24
N VAL D 29 -8.50 24.68 15.52
CA VAL D 29 -7.08 24.46 15.13
C VAL D 29 -6.29 24.01 16.37
N VAL D 30 -5.36 23.07 16.17
CA VAL D 30 -4.31 22.69 17.17
C VAL D 30 -2.95 22.88 16.50
N CYS D 31 -1.97 23.39 17.26
CA CYS D 31 -0.58 23.67 16.80
C CYS D 31 0.41 22.94 17.73
N TYR D 32 1.50 22.43 17.15
CA TYR D 32 2.59 21.74 17.88
C TYR D 32 3.94 22.16 17.26
N GLY D 33 4.88 22.60 18.09
CA GLY D 33 6.20 23.08 17.64
C GLY D 33 6.97 23.80 18.72
N SER D 34 7.98 24.57 18.32
CA SER D 34 8.96 25.24 19.22
C SER D 34 8.81 26.76 19.18
N ASN D 35 7.89 27.32 18.37
CA ASN D 35 7.58 28.77 18.35
C ASN D 35 6.50 29.07 19.39
N SER D 36 6.89 29.63 20.54
CA SER D 36 6.02 29.88 21.72
C SER D 36 4.92 30.88 21.36
N ALA D 37 5.23 31.93 20.60
CA ALA D 37 4.25 32.96 20.14
C ALA D 37 3.10 32.25 19.41
N ILE D 38 3.40 31.35 18.48
CA ILE D 38 2.38 30.61 17.68
C ILE D 38 1.60 29.68 18.62
N LEU D 39 2.31 28.83 19.38
CA LEU D 39 1.69 27.83 20.29
C LEU D 39 0.64 28.50 21.18
N TYR D 40 1.08 29.44 22.02
CA TYR D 40 0.24 30.10 23.06
C TYR D 40 -0.77 31.06 22.40
N GLY D 41 -0.46 31.54 21.19
CA GLY D 41 -1.32 32.44 20.40
C GLY D 41 -2.44 31.70 19.66
N THR D 42 -2.36 30.36 19.57
CA THR D 42 -3.34 29.52 18.85
C THR D 42 -4.74 29.75 19.43
N PRO D 43 -5.70 30.26 18.63
CA PRO D 43 -7.06 30.49 19.13
C PRO D 43 -7.75 29.17 19.51
N GLY D 44 -8.33 29.12 20.72
CA GLY D 44 -9.02 27.93 21.26
C GLY D 44 -10.44 27.80 20.75
N HIS D 45 -11.11 28.94 20.47
CA HIS D 45 -12.57 29.02 20.24
C HIS D 45 -12.91 29.63 18.87
N LEU D 46 -11.93 29.81 17.97
CA LEU D 46 -12.15 30.31 16.59
C LEU D 46 -12.10 29.14 15.60
N GLN D 47 -13.10 29.04 14.72
CA GLN D 47 -13.20 28.01 13.66
C GLN D 47 -12.62 28.56 12.35
N PHE D 48 -11.97 27.70 11.56
CA PHE D 48 -11.24 28.06 10.31
C PHE D 48 -11.66 27.13 9.17
N ILE D 49 -11.71 27.68 7.95
CA ILE D 49 -11.98 26.93 6.69
C ILE D 49 -10.68 26.27 6.20
N GLY D 50 -9.55 26.96 6.40
CA GLY D 50 -8.22 26.48 5.99
C GLY D 50 -7.10 27.20 6.73
N LEU D 51 -5.87 26.67 6.62
CA LEU D 51 -4.66 27.18 7.31
C LEU D 51 -3.54 27.37 6.29
N THR D 52 -2.60 28.28 6.60
CA THR D 52 -1.40 28.58 5.78
C THR D 52 -0.38 29.29 6.66
N GLY D 53 0.87 28.82 6.66
CA GLY D 53 1.92 29.27 7.59
C GLY D 53 3.08 29.93 6.86
N GLY D 54 3.75 30.87 7.52
CA GLY D 54 4.95 31.57 7.02
C GLY D 54 6.08 31.49 8.02
N ASP D 55 7.04 32.40 7.94
CA ASP D 55 8.19 32.50 8.87
C ASP D 55 7.76 33.27 10.12
N GLY D 56 7.53 32.56 11.23
CA GLY D 56 7.27 33.15 12.56
C GLY D 56 5.79 33.41 12.80
N PHE D 57 4.91 32.98 11.90
CA PHE D 57 3.44 33.18 12.04
C PHE D 57 2.68 32.04 11.34
N MET D 58 1.47 31.78 11.84
CA MET D 58 0.44 30.90 11.24
C MET D 58 -0.78 31.77 10.93
N CYS D 59 -1.46 31.51 9.80
CA CYS D 59 -2.70 32.22 9.40
C CYS D 59 -3.80 31.20 9.04
N GLY D 60 -5.05 31.65 9.08
CA GLY D 60 -6.23 30.86 8.68
C GLY D 60 -7.33 31.75 8.13
N LEU D 61 -8.24 31.16 7.35
CA LEU D 61 -9.50 31.81 6.90
C LEU D 61 -10.59 31.46 7.92
N LEU D 62 -11.06 32.46 8.69
CA LEU D 62 -12.12 32.32 9.72
C LEU D 62 -13.41 31.83 9.05
N MET D 63 -14.09 30.86 9.66
CA MET D 63 -15.30 30.20 9.09
C MET D 63 -16.49 31.17 9.11
N LEU D 64 -16.67 31.93 10.19
CA LEU D 64 -17.83 32.85 10.38
C LEU D 64 -17.64 34.12 9.56
N SER D 65 -16.52 34.83 9.76
CA SER D 65 -16.26 36.19 9.19
C SER D 65 -15.68 36.10 7.78
N HIS D 66 -15.09 34.96 7.40
CA HIS D 66 -14.43 34.71 6.08
C HIS D 66 -13.28 35.71 5.88
N GLN D 67 -12.58 36.08 6.96
CA GLN D 67 -11.43 37.02 6.94
C GLN D 67 -10.16 36.29 7.37
N PRO D 68 -8.98 36.68 6.83
CA PRO D 68 -7.72 36.13 7.30
C PRO D 68 -7.46 36.52 8.77
N TYR D 69 -6.98 35.57 9.56
CA TYR D 69 -6.58 35.77 10.98
C TYR D 69 -5.25 35.04 11.22
N CYS D 70 -4.20 35.81 11.59
CA CYS D 70 -2.83 35.30 11.80
C CYS D 70 -2.46 35.39 13.28
N TRP D 71 -1.71 34.41 13.78
CA TRP D 71 -1.12 34.41 15.14
C TRP D 71 0.34 33.98 15.07
N GLY D 72 1.12 34.38 16.07
CA GLY D 72 2.59 34.29 16.10
C GLY D 72 3.20 35.66 16.38
N ASN D 73 4.33 35.94 15.75
CA ASN D 73 5.10 37.21 15.97
C ASN D 73 6.09 37.37 14.82
N SER D 74 5.84 38.34 13.93
CA SER D 74 6.70 38.67 12.76
C SER D 74 6.96 40.18 12.71
N ALA D 75 8.19 40.57 12.38
CA ALA D 75 8.62 41.97 12.17
C ALA D 75 7.97 42.53 10.89
N PHE D 76 7.55 41.67 9.98
CA PHE D 76 7.23 42.01 8.56
C PHE D 76 5.73 41.97 8.29
N ILE D 77 4.93 41.31 9.14
CA ILE D 77 3.45 41.20 8.97
C ILE D 77 2.77 41.29 10.33
N GLN D 78 1.58 41.89 10.37
CA GLN D 78 0.76 42.10 11.60
C GLN D 78 -0.09 40.84 11.85
N MET D 79 -0.35 40.54 13.12
CA MET D 79 -1.19 39.38 13.56
C MET D 79 -2.66 39.83 13.62
N GLY D 80 -3.57 38.90 13.93
CA GLY D 80 -5.03 39.11 13.87
C GLY D 80 -5.49 39.29 12.44
N VAL D 81 -6.63 39.95 12.24
CA VAL D 81 -7.14 40.35 10.89
C VAL D 81 -6.26 41.50 10.41
N PRO D 82 -5.42 41.30 9.38
CA PRO D 82 -4.41 42.29 9.00
C PRO D 82 -5.02 43.54 8.34
N GLN D 83 -4.44 44.71 8.63
CA GLN D 83 -4.83 46.02 8.03
C GLN D 83 -3.84 46.38 6.93
N PRO D 84 -4.23 47.14 5.88
CA PRO D 84 -5.59 47.66 5.74
C PRO D 84 -6.63 46.59 5.39
N MET D 85 -7.80 46.64 6.04
CA MET D 85 -8.95 45.73 5.81
C MET D 85 -10.23 46.56 5.70
N THR D 86 -11.01 46.35 4.63
CA THR D 86 -12.37 46.93 4.45
C THR D 86 -13.33 46.17 5.39
N LYS D 87 -14.13 46.92 6.18
CA LYS D 87 -15.12 46.34 7.14
C LYS D 87 -16.12 45.47 6.37
N GLY D 88 -16.31 44.23 6.81
CA GLY D 88 -17.29 43.28 6.24
C GLY D 88 -16.77 42.56 5.01
N ALA D 89 -15.53 42.81 4.60
CA ALA D 89 -14.87 42.17 3.42
C ALA D 89 -14.72 40.67 3.70
N GLU D 90 -15.15 39.83 2.74
CA GLU D 90 -15.06 38.34 2.82
C GLU D 90 -13.99 37.85 1.84
N TYR D 91 -13.39 36.69 2.12
CA TYR D 91 -12.31 36.06 1.33
C TYR D 91 -12.62 34.58 1.11
N LEU D 92 -12.22 34.04 -0.05
CA LEU D 92 -12.44 32.62 -0.45
C LEU D 92 -11.22 31.77 -0.05
N GLU D 93 -10.02 32.31 -0.20
CA GLU D 93 -8.74 31.60 0.03
C GLU D 93 -7.70 32.56 0.64
N VAL D 94 -6.71 32.01 1.33
CA VAL D 94 -5.52 32.74 1.87
C VAL D 94 -4.27 31.88 1.63
N SER D 95 -3.15 32.52 1.29
CA SER D 95 -1.83 31.86 1.06
C SER D 95 -0.72 32.69 1.70
N ALA D 96 0.10 32.06 2.57
CA ALA D 96 1.19 32.70 3.32
C ALA D 96 2.54 32.28 2.73
N GLY D 97 3.37 33.26 2.35
CA GLY D 97 4.80 33.09 2.04
C GLY D 97 5.64 33.27 3.30
N ASP D 98 6.94 33.54 3.15
CA ASP D 98 7.89 33.71 4.27
C ASP D 98 7.45 34.91 5.14
N TYR D 99 7.25 36.07 4.51
CA TYR D 99 7.00 37.36 5.19
C TYR D 99 5.79 38.08 4.60
N HIS D 100 4.85 37.35 4.00
CA HIS D 100 3.62 37.93 3.38
C HIS D 100 2.44 36.94 3.45
N LEU D 101 1.23 37.48 3.34
CA LEU D 101 -0.05 36.76 3.20
C LEU D 101 -0.84 37.40 2.06
N CYS D 102 -1.42 36.59 1.17
CA CYS D 102 -2.37 37.03 0.11
C CYS D 102 -3.73 36.38 0.36
N GLY D 103 -4.81 37.11 0.07
CA GLY D 103 -6.20 36.65 0.22
C GLY D 103 -7.00 36.90 -1.05
N LEU D 104 -7.75 35.90 -1.50
CA LEU D 104 -8.68 36.01 -2.65
C LEU D 104 -10.00 36.61 -2.16
N ARG D 105 -10.26 37.87 -2.50
CA ARG D 105 -11.46 38.65 -2.11
C ARG D 105 -12.69 38.04 -2.78
N LYS D 106 -13.73 37.73 -2.00
CA LYS D 106 -15.04 37.22 -2.50
C LYS D 106 -15.85 38.39 -3.05
N PRO D 107 -16.41 38.29 -4.27
CA PRO D 107 -17.20 39.38 -4.86
C PRO D 107 -18.59 39.52 -4.23
N SER D 120 -12.43 34.78 -8.20
CA SER D 120 -12.55 36.26 -8.12
C SER D 120 -11.32 36.92 -8.77
N SER D 121 -11.38 38.24 -8.95
CA SER D 121 -10.36 39.05 -9.68
C SER D 121 -9.60 39.97 -8.72
N LEU D 122 -10.07 40.13 -7.47
CA LEU D 122 -9.49 41.03 -6.45
C LEU D 122 -8.65 40.22 -5.45
N VAL D 123 -7.37 40.55 -5.33
CA VAL D 123 -6.40 39.86 -4.41
C VAL D 123 -5.73 40.92 -3.53
N ASP D 124 -5.98 40.86 -2.21
CA ASP D 124 -5.33 41.72 -1.18
C ASP D 124 -4.18 40.94 -0.55
N CYS D 125 -2.99 41.54 -0.52
CA CYS D 125 -1.76 40.95 0.08
C CYS D 125 -1.24 41.88 1.18
N TRP D 126 -0.65 41.29 2.23
CA TRP D 126 -0.05 42.01 3.39
C TRP D 126 1.34 41.44 3.67
N GLY D 127 2.29 42.29 4.07
CA GLY D 127 3.64 41.88 4.51
C GLY D 127 4.74 42.64 3.79
N TYR D 128 5.98 42.17 3.94
CA TYR D 128 7.23 42.79 3.40
C TYR D 128 7.12 42.92 1.87
N ASN D 129 6.94 44.15 1.38
CA ASN D 129 6.96 44.53 -0.06
C ASN D 129 5.71 44.00 -0.77
N MET D 130 4.74 43.45 -0.03
CA MET D 130 3.54 42.78 -0.60
C MET D 130 2.25 43.42 -0.05
N THR D 131 2.35 44.52 0.71
CA THR D 131 1.18 45.26 1.25
C THR D 131 0.54 46.04 0.10
N ARG D 132 -0.25 45.36 -0.74
CA ARG D 132 -0.81 45.89 -2.01
C ARG D 132 -2.23 45.34 -2.23
N ASN D 133 -2.98 45.97 -3.13
CA ASN D 133 -4.34 45.55 -3.57
C ASN D 133 -4.32 45.30 -5.08
N PHE D 134 -4.21 44.03 -5.50
CA PHE D 134 -4.10 43.59 -6.91
C PHE D 134 -5.50 43.38 -7.50
N VAL D 135 -5.64 43.64 -8.80
CA VAL D 135 -6.89 43.39 -9.60
C VAL D 135 -6.48 42.71 -10.91
N PHE D 136 -7.01 41.51 -11.17
CA PHE D 136 -6.76 40.69 -12.39
C PHE D 136 -7.92 40.89 -13.38
N ASP D 137 -7.71 40.49 -14.64
CA ASP D 137 -8.74 40.55 -15.72
C ASP D 137 -9.46 39.19 -15.83
N LYS D 138 -8.93 38.15 -15.17
CA LYS D 138 -9.50 36.77 -15.14
C LYS D 138 -9.84 36.38 -13.71
N GLN D 139 -10.80 35.47 -13.54
CA GLN D 139 -11.21 34.91 -12.21
C GLN D 139 -10.15 33.89 -11.77
N LEU D 140 -9.45 34.18 -10.66
CA LEU D 140 -8.34 33.34 -10.11
C LEU D 140 -8.87 32.47 -8.97
N HIS D 141 -8.30 31.28 -8.81
CA HIS D 141 -8.51 30.36 -7.65
C HIS D 141 -7.19 29.64 -7.34
N SER D 142 -7.18 28.81 -6.29
CA SER D 142 -6.03 27.99 -5.86
C SER D 142 -4.80 28.89 -5.63
N LEU D 143 -4.90 29.85 -4.71
CA LEU D 143 -3.77 30.70 -4.26
C LEU D 143 -2.66 29.79 -3.69
N SER D 144 -1.40 30.08 -4.03
CA SER D 144 -0.19 29.38 -3.52
C SER D 144 0.98 30.36 -3.44
N ALA D 145 1.61 30.48 -2.27
CA ALA D 145 2.61 31.52 -1.94
C ALA D 145 4.02 30.94 -1.97
N GLY D 146 4.94 31.63 -2.65
CA GLY D 146 6.39 31.40 -2.58
C GLY D 146 7.03 32.26 -1.50
N SER D 147 8.36 32.23 -1.40
CA SER D 147 9.15 32.96 -0.35
C SER D 147 8.88 34.47 -0.45
N GLU D 148 8.89 35.03 -1.66
CA GLU D 148 8.67 36.48 -1.93
C GLU D 148 7.88 36.65 -3.24
N PHE D 149 6.92 35.77 -3.49
CA PHE D 149 5.96 35.84 -4.63
C PHE D 149 4.72 35.01 -4.30
N ASN D 150 3.63 35.21 -5.06
CA ASN D 150 2.35 34.47 -4.90
C ASN D 150 1.79 34.16 -6.28
N CYS D 151 1.15 32.98 -6.43
CA CYS D 151 0.59 32.48 -7.71
C CYS D 151 -0.87 32.05 -7.52
N ALA D 152 -1.57 31.80 -8.63
CA ALA D 152 -2.97 31.32 -8.67
C ALA D 152 -3.27 30.72 -10.06
N LEU D 153 -4.45 30.11 -10.21
CA LEU D 153 -4.93 29.49 -11.48
C LEU D 153 -6.19 30.22 -11.98
N SER D 154 -6.32 30.37 -13.30
CA SER D 154 -7.52 30.89 -13.99
C SER D 154 -8.61 29.81 -13.98
N SER D 155 -9.87 30.21 -13.78
CA SER D 155 -11.06 29.31 -13.72
C SER D 155 -11.68 29.11 -15.10
N LYS D 156 -11.53 30.12 -15.99
CA LYS D 156 -12.05 30.08 -17.40
C LYS D 156 -11.29 29.00 -18.17
N ASP D 157 -9.96 29.10 -18.21
CA ASP D 157 -9.03 28.04 -18.68
C ASP D 157 -8.37 27.42 -17.43
N LYS D 158 -7.10 27.03 -17.51
CA LYS D 158 -6.34 26.44 -16.38
C LYS D 158 -4.89 26.97 -16.42
N SER D 159 -4.72 28.26 -16.71
CA SER D 159 -3.40 28.95 -16.81
C SER D 159 -2.95 29.40 -15.42
N VAL D 160 -1.63 29.44 -15.19
CA VAL D 160 -1.01 29.86 -13.89
C VAL D 160 -0.48 31.29 -14.05
N PHE D 161 -0.86 32.17 -13.11
CA PHE D 161 -0.40 33.59 -13.02
C PHE D 161 0.32 33.79 -11.69
N CYS D 162 1.49 34.45 -11.74
CA CYS D 162 2.37 34.71 -10.57
C CYS D 162 2.74 36.20 -10.51
N TRP D 163 2.54 36.83 -9.35
CA TRP D 163 2.79 38.28 -9.08
C TRP D 163 3.73 38.41 -7.87
N GLY D 164 4.16 39.64 -7.56
CA GLY D 164 5.15 39.94 -6.51
C GLY D 164 6.55 39.87 -7.06
N ASP D 165 7.57 39.81 -6.19
CA ASP D 165 9.01 39.78 -6.56
C ASP D 165 9.34 38.40 -7.14
N GLU D 166 8.98 38.16 -8.40
CA GLU D 166 9.27 36.92 -9.16
C GLU D 166 10.49 37.17 -10.06
N ASN D 167 11.68 36.80 -9.58
CA ASN D 167 12.99 36.97 -10.29
C ASN D 167 13.33 38.46 -10.32
N ILE D 172 11.06 33.20 -10.93
CA ILE D 172 10.08 32.44 -11.78
C ILE D 172 10.47 32.59 -13.24
N SER D 173 11.10 31.55 -13.81
CA SER D 173 11.39 31.40 -15.26
C SER D 173 10.10 30.98 -15.97
N LEU D 174 9.52 31.88 -16.77
CA LEU D 174 8.17 31.73 -17.39
C LEU D 174 8.09 30.42 -18.18
N ILE D 175 6.87 29.89 -18.32
CA ILE D 175 6.57 28.62 -19.06
C ILE D 175 5.59 28.94 -20.19
N PRO D 176 5.55 28.13 -21.27
CA PRO D 176 4.52 28.28 -22.31
C PRO D 176 3.10 28.39 -21.76
N LYS D 177 2.27 29.21 -22.42
CA LYS D 177 0.87 29.50 -22.00
C LYS D 177 -0.05 28.30 -22.30
N GLU D 178 0.40 27.37 -23.13
CA GLU D 178 -0.37 26.17 -23.59
C GLU D 178 -0.69 25.26 -22.40
N LYS D 179 0.20 25.18 -21.41
CA LYS D 179 0.13 24.22 -20.27
C LYS D 179 -1.07 24.57 -19.37
N LYS D 180 -1.97 23.60 -19.17
CA LYS D 180 -3.19 23.69 -18.31
C LYS D 180 -2.95 22.90 -17.02
N PHE D 181 -3.32 23.47 -15.87
CA PHE D 181 -3.10 22.88 -14.52
C PHE D 181 -4.42 22.74 -13.74
N GLN D 182 -4.55 21.64 -12.98
CA GLN D 182 -5.69 21.38 -12.07
C GLN D 182 -5.30 21.73 -10.62
N LYS D 183 -3.99 21.67 -10.29
CA LYS D 183 -3.45 22.08 -8.97
C LYS D 183 -2.06 22.71 -9.14
N ILE D 184 -1.70 23.62 -8.24
CA ILE D 184 -0.34 24.24 -8.15
C ILE D 184 0.12 24.26 -6.69
N ALA D 185 1.44 24.24 -6.49
CA ALA D 185 2.11 24.43 -5.18
C ALA D 185 3.39 25.24 -5.39
N ALA D 186 3.40 26.48 -4.91
CA ALA D 186 4.59 27.37 -4.87
C ALA D 186 5.52 26.91 -3.76
N GLY D 187 6.80 26.69 -4.10
CA GLY D 187 7.89 26.46 -3.13
C GLY D 187 8.62 27.75 -2.84
N GLY D 188 9.84 27.65 -2.30
CA GLY D 188 10.69 28.81 -1.98
C GLY D 188 10.94 29.68 -3.20
N TYR D 189 11.53 29.09 -4.25
CA TYR D 189 11.98 29.78 -5.47
C TYR D 189 11.63 28.94 -6.71
N HIS D 190 10.45 28.32 -6.68
CA HIS D 190 9.92 27.46 -7.79
CA HIS D 190 9.92 27.50 -7.80
C HIS D 190 8.41 27.29 -7.61
N VAL D 191 7.74 26.78 -8.65
CA VAL D 191 6.30 26.38 -8.63
C VAL D 191 6.19 25.03 -9.32
N CYS D 192 5.48 24.09 -8.69
CA CYS D 192 5.08 22.78 -9.28
C CYS D 192 3.57 22.79 -9.50
N GLY D 193 3.13 22.29 -10.67
CA GLY D 193 1.70 22.17 -11.02
C GLY D 193 1.37 20.77 -11.52
N ILE D 194 0.22 20.24 -11.10
CA ILE D 194 -0.33 18.95 -11.63
CA ILE D 194 -0.33 18.95 -11.63
C ILE D 194 -1.14 19.27 -12.88
N LEU D 195 -0.65 18.81 -14.05
CA LEU D 195 -1.29 19.05 -15.37
C LEU D 195 -2.71 18.47 -15.35
N ASP D 196 -3.66 19.17 -15.99
CA ASP D 196 -5.08 18.75 -16.09
C ASP D 196 -5.17 17.52 -16.99
N GLY D 197 -6.06 16.58 -16.65
CA GLY D 197 -6.36 15.38 -17.47
C GLY D 197 -6.19 14.08 -16.69
N LEU D 198 -5.95 12.98 -17.41
CA LEU D 198 -5.93 11.60 -16.89
C LEU D 198 -4.59 11.29 -16.22
N GLU D 199 -3.47 11.59 -16.90
CA GLU D 199 -2.09 11.25 -16.47
C GLU D 199 -1.75 11.97 -15.15
N SER D 200 -2.29 13.17 -14.94
CA SER D 200 -2.05 14.03 -13.74
C SER D 200 -0.55 14.14 -13.46
N ARG D 201 0.25 14.42 -14.50
CA ARG D 201 1.73 14.55 -14.43
C ARG D 201 2.09 15.90 -13.82
N VAL D 202 3.17 15.95 -13.04
CA VAL D 202 3.68 17.19 -12.37
C VAL D 202 4.62 17.92 -13.34
N LEU D 203 4.63 19.26 -13.25
CA LEU D 203 5.52 20.17 -14.03
C LEU D 203 6.02 21.26 -13.06
N CYS D 204 7.35 21.41 -12.94
CA CYS D 204 8.00 22.36 -11.99
C CYS D 204 8.95 23.29 -12.75
N TRP D 205 8.93 24.60 -12.43
CA TRP D 205 9.75 25.65 -13.06
C TRP D 205 10.18 26.68 -12.00
N GLY D 206 11.32 27.35 -12.24
CA GLY D 206 11.87 28.40 -11.35
C GLY D 206 13.37 28.55 -11.49
N LYS D 207 14.02 29.13 -10.48
CA LYS D 207 15.49 29.37 -10.45
C LYS D 207 16.21 28.04 -10.16
N LEU D 225 18.57 18.40 -8.14
CA LEU D 225 19.32 17.11 -8.08
C LEU D 225 18.40 15.96 -8.52
N ASP D 226 17.28 15.78 -7.80
CA ASP D 226 16.26 14.72 -8.07
C ASP D 226 15.26 15.25 -9.11
N LEU D 227 14.96 14.43 -10.12
CA LEU D 227 13.99 14.76 -11.21
C LEU D 227 12.58 14.49 -10.71
N PRO D 228 11.55 15.27 -11.13
CA PRO D 228 10.17 15.04 -10.70
C PRO D 228 9.67 13.66 -11.10
N PRO D 229 8.69 13.07 -10.36
CA PRO D 229 8.17 11.75 -10.69
C PRO D 229 7.26 11.77 -11.92
N LYS D 230 7.22 10.65 -12.65
CA LYS D 230 6.37 10.46 -13.87
C LYS D 230 4.97 9.99 -13.45
N GLU D 231 4.82 9.51 -12.21
CA GLU D 231 3.57 8.89 -11.68
C GLU D 231 2.50 9.97 -11.52
N PRO D 232 1.20 9.64 -11.71
CA PRO D 232 0.10 10.56 -11.42
C PRO D 232 0.08 10.98 -9.94
N LEU D 233 -0.13 12.28 -9.67
CA LEU D 233 -0.15 12.86 -8.30
C LEU D 233 -1.56 13.38 -7.97
N LEU D 234 -1.99 13.21 -6.71
CA LEU D 234 -3.27 13.73 -6.16
C LEU D 234 -3.05 15.13 -5.58
N ALA D 235 -1.85 15.40 -5.06
CA ALA D 235 -1.47 16.69 -4.43
C ALA D 235 0.03 16.93 -4.58
N VAL D 236 0.47 18.16 -4.35
CA VAL D 236 1.90 18.60 -4.44
C VAL D 236 2.10 19.76 -3.45
N VAL D 237 3.28 19.83 -2.83
CA VAL D 237 3.71 20.95 -1.95
C VAL D 237 5.13 21.35 -2.34
N GLY D 238 5.52 22.57 -1.99
CA GLY D 238 6.85 23.14 -2.28
C GLY D 238 7.57 23.56 -1.01
N GLY D 239 8.76 23.01 -0.78
CA GLY D 239 9.74 23.50 0.20
C GLY D 239 10.62 24.57 -0.42
N LYS D 240 11.73 24.92 0.24
CA LYS D 240 12.61 26.05 -0.16
C LYS D 240 13.33 25.70 -1.48
N PHE D 241 13.92 24.51 -1.58
CA PHE D 241 14.67 24.05 -2.78
C PHE D 241 14.26 22.61 -3.15
N TYR D 242 13.04 22.20 -2.80
CA TYR D 242 12.50 20.84 -3.05
C TYR D 242 10.98 20.89 -3.15
N ALA D 243 10.39 19.82 -3.70
CA ALA D 243 8.93 19.59 -3.78
C ALA D 243 8.62 18.17 -3.31
N CYS D 244 7.40 17.95 -2.80
CA CYS D 244 6.85 16.61 -2.47
C CYS D 244 5.43 16.50 -3.05
N GLY D 245 4.98 15.27 -3.31
CA GLY D 245 3.63 14.99 -3.84
C GLY D 245 3.09 13.69 -3.28
N ILE D 246 1.76 13.52 -3.35
CA ILE D 246 1.03 12.27 -3.00
C ILE D 246 0.76 11.52 -4.31
N LYS D 247 1.40 10.36 -4.49
CA LYS D 247 1.20 9.48 -5.67
C LYS D 247 -0.22 8.91 -5.63
N ARG D 248 -0.93 8.93 -6.75
CA ARG D 248 -2.33 8.43 -6.87
C ARG D 248 -2.36 6.92 -6.59
N TYR D 249 -1.33 6.18 -7.02
CA TYR D 249 -1.26 4.70 -6.97
C TYR D 249 -1.61 4.18 -5.57
N ASP D 250 -0.91 4.66 -4.54
CA ASP D 250 -0.96 4.11 -3.16
C ASP D 250 -1.02 5.23 -2.10
N HIS D 251 -1.26 6.48 -2.52
CA HIS D 251 -1.35 7.67 -1.63
C HIS D 251 -0.04 7.89 -0.86
N SER D 252 1.08 7.33 -1.34
CA SER D 252 2.42 7.47 -0.71
C SER D 252 3.02 8.82 -1.09
N ALA D 253 3.96 9.32 -0.29
CA ALA D 253 4.70 10.58 -0.52
C ALA D 253 5.95 10.30 -1.36
N VAL D 254 6.29 11.22 -2.26
CA VAL D 254 7.55 11.22 -3.06
C VAL D 254 8.05 12.66 -3.14
N CYS D 255 9.33 12.88 -2.90
CA CYS D 255 9.98 14.23 -2.88
C CYS D 255 11.15 14.26 -3.88
N TRP D 256 11.47 15.45 -4.38
CA TRP D 256 12.54 15.70 -5.38
C TRP D 256 13.02 17.15 -5.26
N GLY D 257 14.20 17.46 -5.80
CA GLY D 257 14.83 18.79 -5.76
C GLY D 257 16.30 18.71 -5.41
N PHE D 258 16.83 19.74 -4.73
CA PHE D 258 18.28 19.87 -4.39
C PHE D 258 18.64 18.87 -3.29
N PHE D 259 18.17 19.11 -2.06
CA PHE D 259 18.48 18.31 -0.85
C PHE D 259 17.18 17.67 -0.33
N VAL D 260 16.50 16.93 -1.21
CA VAL D 260 15.22 16.21 -0.91
C VAL D 260 15.55 14.83 -0.31
N THR D 264 16.89 13.39 4.80
CA THR D 264 16.23 12.09 4.52
C THR D 264 15.10 12.28 3.52
N PRO D 265 14.82 11.29 2.64
CA PRO D 265 13.69 11.37 1.70
C PRO D 265 12.35 11.02 2.36
N ALA D 266 11.28 10.94 1.56
CA ALA D 266 9.90 10.63 2.00
C ALA D 266 9.84 9.22 2.59
N PRO D 267 9.01 8.99 3.64
CA PRO D 267 8.73 7.63 4.12
C PRO D 267 7.87 6.89 3.09
N THR D 268 8.33 5.71 2.64
CA THR D 268 7.81 4.99 1.45
C THR D 268 6.53 4.22 1.78
N GLY D 269 6.44 3.63 2.99
CA GLY D 269 5.36 2.69 3.36
C GLY D 269 4.01 3.35 3.55
N ILE D 270 3.97 4.56 4.12
CA ILE D 270 2.72 5.17 4.70
C ILE D 270 1.99 6.01 3.64
N GLY D 271 0.67 6.01 3.70
CA GLY D 271 -0.23 6.80 2.83
C GLY D 271 -0.60 8.13 3.45
N PHE D 272 -0.86 9.14 2.62
CA PHE D 272 -1.19 10.53 3.04
C PHE D 272 -2.43 11.03 2.28
N TYR D 273 -3.30 11.78 2.98
CA TYR D 273 -4.43 12.53 2.38
C TYR D 273 -4.01 13.98 2.10
N ASP D 274 -3.15 14.54 2.95
CA ASP D 274 -2.69 15.96 2.87
C ASP D 274 -1.22 16.07 3.26
N LEU D 275 -0.48 16.91 2.54
CA LEU D 275 0.92 17.31 2.85
C LEU D 275 0.95 18.82 3.13
N ALA D 276 1.96 19.25 3.89
CA ALA D 276 2.34 20.67 4.09
C ALA D 276 3.86 20.74 4.18
N ALA D 277 4.46 21.82 3.66
CA ALA D 277 5.93 22.00 3.60
C ALA D 277 6.31 23.28 4.34
N GLY D 278 7.31 23.19 5.21
CA GLY D 278 8.09 24.34 5.72
C GLY D 278 9.22 24.66 4.78
N ASN D 279 10.31 25.25 5.30
CA ASN D 279 11.51 25.59 4.49
C ASN D 279 12.27 24.30 4.12
N TYR D 280 12.58 23.45 5.10
CA TYR D 280 13.51 22.30 4.96
C TYR D 280 12.92 21.01 5.55
N PHE D 281 11.59 20.93 5.68
CA PHE D 281 10.88 19.73 6.22
C PHE D 281 9.44 19.72 5.71
N THR D 282 8.85 18.52 5.64
CA THR D 282 7.47 18.25 5.17
C THR D 282 6.74 17.44 6.24
N CYS D 283 5.46 17.74 6.47
CA CYS D 283 4.54 16.98 7.34
C CYS D 283 3.32 16.55 6.53
N GLY D 284 2.70 15.42 6.90
CA GLY D 284 1.48 14.90 6.25
C GLY D 284 0.55 14.24 7.26
N VAL D 285 -0.76 14.29 6.99
CA VAL D 285 -1.80 13.58 7.79
C VAL D 285 -2.23 12.35 6.99
N LEU D 286 -2.21 11.18 7.64
CA LEU D 286 -2.21 9.85 6.98
C LEU D 286 -3.64 9.42 6.69
N THR D 287 -3.78 8.44 5.79
CA THR D 287 -5.08 7.91 5.27
C THR D 287 -5.86 7.24 6.40
N GLY D 288 -5.17 6.57 7.32
CA GLY D 288 -5.79 5.87 8.46
C GLY D 288 -6.46 6.85 9.43
N THR D 289 -7.57 6.44 10.04
CA THR D 289 -8.47 7.29 10.87
C THR D 289 -7.70 7.85 12.06
N SER D 290 -7.11 7.00 12.90
CA SER D 290 -6.47 7.35 14.20
C SER D 290 -4.94 7.50 14.06
N MET D 291 -4.43 7.67 12.83
CA MET D 291 -2.97 7.82 12.56
C MET D 291 -2.51 9.21 12.99
N SER D 292 -1.37 9.30 13.67
CA SER D 292 -0.70 10.57 14.05
C SER D 292 -0.10 11.21 12.80
N PRO D 293 0.04 12.55 12.74
CA PRO D 293 0.82 13.20 11.69
C PRO D 293 2.27 12.69 11.67
N VAL D 294 2.88 12.67 10.48
CA VAL D 294 4.30 12.26 10.28
C VAL D 294 5.03 13.39 9.55
N CYS D 295 6.19 13.80 10.08
CA CYS D 295 7.10 14.82 9.51
C CYS D 295 8.46 14.18 9.20
N TRP D 296 9.18 14.75 8.24
CA TRP D 296 10.55 14.32 7.84
C TRP D 296 11.29 15.51 7.22
N GLY D 297 12.62 15.43 7.17
CA GLY D 297 13.51 16.51 6.73
C GLY D 297 14.33 17.04 7.89
N LEU D 298 14.61 18.36 7.90
CA LEU D 298 15.45 19.04 8.92
C LEU D 298 14.59 20.03 9.72
N GLY D 299 14.65 19.93 11.06
CA GLY D 299 14.07 20.92 12.00
C GLY D 299 12.56 20.89 12.04
N PHE D 300 11.94 19.73 11.76
CA PHE D 300 10.46 19.53 11.84
C PHE D 300 10.03 19.50 13.30
N PRO D 301 8.73 19.76 13.61
CA PRO D 301 8.26 19.74 14.99
C PRO D 301 8.41 18.35 15.63
N ALA D 302 9.00 18.30 16.83
CA ALA D 302 9.30 17.05 17.58
C ALA D 302 8.20 16.77 18.62
N SER D 303 7.24 17.67 18.79
CA SER D 303 6.28 17.66 19.93
C SER D 303 4.86 17.28 19.47
N ILE D 304 4.69 16.73 18.26
CA ILE D 304 3.36 16.28 17.75
C ILE D 304 2.91 15.07 18.57
N PRO D 305 1.68 15.07 19.13
CA PRO D 305 1.17 13.92 19.87
C PRO D 305 1.06 12.66 19.02
N LEU D 306 1.12 11.49 19.67
CA LEU D 306 0.99 10.15 19.04
C LEU D 306 -0.46 9.66 19.19
N GLU D 307 -1.16 10.13 20.24
CA GLU D 307 -2.61 9.94 20.48
C GLU D 307 -2.94 8.45 20.54
C1 NAG E . -39.11 -9.36 -23.73
C2 NAG E . -39.56 -10.34 -22.63
C3 NAG E . -40.94 -10.01 -22.07
C4 NAG E . -41.09 -8.52 -21.78
C5 NAG E . -40.68 -7.72 -23.02
C6 NAG E . -40.91 -6.23 -22.81
C7 NAG E . -38.72 -12.64 -22.85
C8 NAG E . -38.95 -13.93 -23.57
N2 NAG E . -39.58 -11.68 -23.19
O3 NAG E . -41.13 -10.75 -20.86
O4 NAG E . -42.46 -8.25 -21.45
O5 NAG E . -39.31 -8.02 -23.30
O6 NAG E . -40.26 -5.47 -23.84
O7 NAG E . -37.83 -12.51 -22.03
C1 FUC E . -41.03 -4.30 -24.17
C2 FUC E . -40.13 -3.22 -24.76
C3 FUC E . -39.73 -3.51 -26.22
C4 FUC E . -40.95 -3.87 -27.04
C5 FUC E . -41.71 -5.01 -26.36
C6 FUC E . -42.91 -5.43 -27.19
O2 FUC E . -38.94 -3.10 -23.97
O3 FUC E . -39.08 -2.37 -26.78
O4 FUC E . -41.82 -2.73 -27.15
O5 FUC E . -42.12 -4.60 -25.06
C1 NAG F . 26.67 -31.75 -17.74
C2 NAG F . 27.21 -30.87 -18.88
C3 NAG F . 28.71 -30.62 -18.74
C4 NAG F . 29.06 -30.16 -17.33
C5 NAG F . 28.49 -31.14 -16.31
C6 NAG F . 28.79 -30.74 -14.87
C7 NAG F . 26.01 -31.10 -21.01
C8 NAG F . 25.98 -31.86 -22.31
N2 NAG F . 26.97 -31.49 -20.16
O3 NAG F . 29.11 -29.63 -19.69
O4 NAG F . 30.48 -30.07 -17.19
O5 NAG F . 27.07 -31.21 -16.49
O6 NAG F . 28.11 -31.65 -14.01
O7 NAG F . 25.23 -30.20 -20.78
C1 FUC F . 28.56 -31.53 -12.65
C2 FUC F . 27.65 -32.37 -11.76
C3 FUC F . 27.86 -33.86 -12.03
C4 FUC F . 29.34 -34.21 -11.91
C5 FUC F . 30.18 -33.30 -12.79
C6 FUC F . 31.67 -33.58 -12.64
O2 FUC F . 26.28 -32.06 -12.01
O3 FUC F . 27.09 -34.63 -11.09
O4 FUC F . 29.75 -34.10 -10.54
O5 FUC F . 29.92 -31.92 -12.45
C1 EDO G . 20.77 15.40 31.28
O1 EDO G . 21.79 14.51 31.66
C2 EDO G . 19.55 14.71 30.76
O2 EDO G . 18.94 13.87 31.73
C1 EDO H . -4.56 -9.73 25.03
O1 EDO H . -5.15 -10.50 24.00
C2 EDO H . -5.21 -8.42 25.22
O2 EDO H . -6.62 -8.46 25.12
C1 EDO I . 8.58 -19.42 -6.56
O1 EDO I . 7.20 -19.49 -6.24
C2 EDO I . 9.45 -19.34 -5.37
O2 EDO I . 10.83 -19.39 -5.69
C1 EDO J . 15.92 -43.13 -5.31
O1 EDO J . 17.01 -42.89 -6.20
C2 EDO J . 14.98 -41.98 -5.24
O2 EDO J . 13.92 -42.21 -4.33
C1 EDO K . 4.61 -44.64 -2.35
O1 EDO K . 3.67 -45.07 -1.37
C2 EDO K . 5.25 -45.77 -3.05
O2 EDO K . 6.58 -45.48 -3.44
C1 EDO L . 19.80 -10.37 -11.66
O1 EDO L . 20.30 -9.53 -12.68
C2 EDO L . 20.86 -10.79 -10.70
O2 EDO L . 21.44 -9.70 -10.00
C1 EDO M . 0.36 -37.06 -17.59
O1 EDO M . 0.54 -37.38 -18.96
C2 EDO M . 0.83 -35.70 -17.26
O2 EDO M . 0.24 -34.67 -18.03
C1 EDO N . 24.43 -11.65 -12.04
O1 EDO N . 23.98 -10.70 -12.97
C2 EDO N . 25.08 -11.06 -10.85
O2 EDO N . 24.50 -9.84 -10.45
C1 EDO O . -2.10 -10.65 -16.09
O1 EDO O . -2.57 -11.00 -14.79
C2 EDO O . -1.69 -9.23 -16.21
O2 EDO O . -2.65 -8.43 -16.88
C1 EDO P . 8.46 -17.59 -23.47
O1 EDO P . 9.23 -18.74 -23.78
C2 EDO P . 7.32 -17.89 -22.56
O2 EDO P . 7.67 -18.79 -21.52
C1 NAG Q . 9.24 44.37 -4.39
C2 NAG Q . 10.74 44.27 -4.65
C3 NAG Q . 11.09 44.74 -6.06
C4 NAG Q . 10.19 44.09 -7.11
C5 NAG Q . 8.72 44.20 -6.71
C6 NAG Q . 7.82 43.47 -7.71
C7 NAG Q . 11.93 44.56 -2.52
C8 NAG Q . 12.66 45.53 -1.64
N2 NAG Q . 11.48 45.06 -3.67
O3 NAG Q . 12.45 44.43 -6.34
O4 NAG Q . 10.39 44.72 -8.38
O5 NAG Q . 8.54 43.63 -5.40
O6 NAG Q . 6.49 43.36 -7.21
O7 NAG Q . 11.77 43.40 -2.18
C1 EDO R . 3.96 41.38 15.08
O1 EDO R . 3.16 40.68 14.15
C2 EDO R . 3.24 41.79 16.31
O2 EDO R . 2.09 41.01 16.61
#